data_9CIP
#
_entry.id   9CIP
#
_cell.length_a   65.790
_cell.length_b   106.070
_cell.length_c   149.280
_cell.angle_alpha   90.000
_cell.angle_beta   90.000
_cell.angle_gamma   90.000
#
_symmetry.space_group_name_H-M   'P 2 21 21'
#
loop_
_entity.id
_entity.type
_entity.pdbx_description
1 polymer Clostripain
2 non-polymer 'SODIUM ION'
3 water water
#
_entity_poly.entity_id   1
_entity_poly.type   'polypeptide(L)'
_entity_poly.pdbx_seq_one_letter_code
;MLRRKVSTLLMTALITTSFLNSKPVYANPVTKSKDNNLKEVQQVTSKSNKNKNQKVTIMYYCDADNNLEGSLLNDIEEMK
TGYKDSPNLNLIALVDRSPRYSSDEKVLGEDFSDTRLYKIEHNKANRLDGKNEFPEISTTSKYEANMGDPEVLKKFIDYC
KSNYEADKYVLIMANHGGGAREKSNPRLNRAICWDDSNLDKNGEADCLYMGEISDHLTEKQSVDLLAFDACLMGTAEVAY
QYRPGNGGFSADTLVASSPVVWGPGFKYDKIFDRIKAGGGTNNEDDLTLGGKEQNFDPATITNEQLGALFVEEQRDSTHA
NGRYDQHLSFYDLKKAESVKRAIDNLAVNLSNENKKSEIEKLRGSGIHTDLMHYFDEYSEGEWVEYPYFDVYDLCEKINK
SENFSSKTKDLASNAMNKLNEMIVYSFGDPSNNFKEGKNGLSIFLPNGDKKYSTYYTSTKIPHWTMQSWYNSIDTVKYGL
NPYGKLSWCKDGQDPEINKVGNWFELLDSWFDKTNDVTGGVNHYQW
;
_entity_poly.pdbx_strand_id   A,B
#
loop_
_chem_comp.id
_chem_comp.type
_chem_comp.name
_chem_comp.formula
NA non-polymer 'SODIUM ION' 'Na 1'
#
# COMPACT_ATOMS: atom_id res chain seq x y z
N LYS A 52 3.79 42.90 -8.16
CA LYS A 52 3.95 43.42 -6.80
C LYS A 52 2.62 43.53 -6.08
N ASN A 53 1.54 43.64 -6.84
CA ASN A 53 0.17 43.58 -6.33
C ASN A 53 -0.68 42.67 -7.21
N GLN A 54 -0.13 41.50 -7.52
CA GLN A 54 -0.81 40.54 -8.37
C GLN A 54 -2.02 39.95 -7.66
N LYS A 55 -2.88 39.31 -8.43
CA LYS A 55 -3.96 38.47 -7.91
C LYS A 55 -3.73 37.05 -8.39
N VAL A 56 -4.02 36.08 -7.53
CA VAL A 56 -3.77 34.67 -7.79
C VAL A 56 -5.08 33.91 -7.67
N THR A 57 -5.49 33.23 -8.73
CA THR A 57 -6.68 32.39 -8.70
C THR A 57 -6.28 30.92 -8.73
N ILE A 58 -6.77 30.16 -7.75
CA ILE A 58 -6.48 28.74 -7.60
C ILE A 58 -7.76 27.97 -7.88
N MET A 59 -7.72 27.11 -8.88
CA MET A 59 -8.87 26.37 -9.39
C MET A 59 -8.71 24.91 -8.98
N TYR A 60 -9.61 24.45 -8.10
CA TYR A 60 -9.52 23.11 -7.52
C TYR A 60 -10.55 22.22 -8.22
N TYR A 61 -10.06 21.36 -9.11
CA TYR A 61 -10.87 20.40 -9.84
C TYR A 61 -10.94 19.14 -8.97
N CYS A 62 -11.97 19.07 -8.11
CA CYS A 62 -12.09 18.02 -7.09
C CYS A 62 -13.02 16.94 -7.60
N ASP A 63 -12.48 15.79 -7.97
CA ASP A 63 -13.27 14.69 -8.51
C ASP A 63 -13.48 13.63 -7.42
N ALA A 64 -14.33 13.99 -6.45
CA ALA A 64 -14.65 13.10 -5.35
C ALA A 64 -15.77 12.10 -5.70
N ASP A 65 -16.00 11.86 -6.98
CA ASP A 65 -17.01 10.89 -7.42
C ASP A 65 -16.39 9.49 -7.50
N ASN A 66 -15.83 9.07 -6.38
CA ASN A 66 -15.10 7.81 -6.26
C ASN A 66 -14.87 7.54 -4.78
N ASN A 67 -14.05 6.53 -4.48
CA ASN A 67 -13.82 6.12 -3.10
C ASN A 67 -13.00 7.12 -2.30
N LEU A 68 -12.36 8.08 -2.96
CA LEU A 68 -11.57 9.10 -2.29
C LEU A 68 -12.41 10.30 -1.87
N GLU A 69 -13.73 10.15 -1.78
CA GLU A 69 -14.60 11.29 -1.47
C GLU A 69 -14.32 11.85 -0.08
N GLY A 70 -14.22 10.98 0.92
CA GLY A 70 -13.98 11.46 2.27
C GLY A 70 -12.64 12.17 2.41
N SER A 71 -11.61 11.63 1.75
CA SER A 71 -10.30 12.27 1.80
C SER A 71 -10.34 13.65 1.15
N LEU A 72 -11.06 13.78 0.03
CA LEU A 72 -11.12 15.08 -0.65
C LEU A 72 -11.98 16.08 0.11
N LEU A 73 -13.03 15.61 0.79
CA LEU A 73 -13.79 16.50 1.66
C LEU A 73 -12.94 16.97 2.83
N ASN A 74 -12.11 16.09 3.37
CA ASN A 74 -11.15 16.51 4.39
C ASN A 74 -10.14 17.50 3.83
N ASP A 75 -9.76 17.33 2.56
CA ASP A 75 -8.86 18.28 1.93
C ASP A 75 -9.51 19.66 1.81
N ILE A 76 -10.78 19.70 1.45
CA ILE A 76 -11.49 20.98 1.37
C ILE A 76 -11.61 21.59 2.76
N GLU A 77 -11.85 20.78 3.79
CA GLU A 77 -11.87 21.28 5.16
C GLU A 77 -10.53 21.88 5.54
N GLU A 78 -9.44 21.22 5.15
CA GLU A 78 -8.10 21.74 5.40
C GLU A 78 -7.88 23.06 4.67
N MET A 79 -8.38 23.17 3.44
CA MET A 79 -8.31 24.43 2.71
C MET A 79 -9.04 25.54 3.45
N LYS A 80 -10.28 25.27 3.87
CA LYS A 80 -11.05 26.27 4.63
C LYS A 80 -10.29 26.68 5.88
N THR A 81 -9.64 25.73 6.55
CA THR A 81 -8.93 26.05 7.79
C THR A 81 -7.69 26.90 7.53
N GLY A 82 -6.90 26.54 6.51
CA GLY A 82 -5.67 27.25 6.25
C GLY A 82 -5.80 28.51 5.43
N TYR A 83 -6.88 28.64 4.65
CA TYR A 83 -7.06 29.79 3.79
C TYR A 83 -7.11 31.07 4.62
N LYS A 84 -6.34 32.07 4.21
CA LYS A 84 -6.32 33.36 4.88
C LYS A 84 -6.88 34.40 3.90
N ASP A 85 -7.98 35.04 4.29
CA ASP A 85 -8.67 35.96 3.39
C ASP A 85 -7.76 37.11 2.97
N SER A 86 -7.75 37.40 1.67
CA SER A 86 -6.90 38.43 1.09
C SER A 86 -7.46 38.83 -0.26
N PRO A 87 -7.45 40.12 -0.62
CA PRO A 87 -7.95 40.54 -1.93
C PRO A 87 -7.05 40.14 -3.09
N ASN A 88 -5.91 39.50 -2.83
CA ASN A 88 -5.00 39.03 -3.86
C ASN A 88 -5.11 37.54 -4.10
N LEU A 89 -6.15 36.88 -3.57
CA LEU A 89 -6.25 35.43 -3.61
C LEU A 89 -7.69 35.03 -3.87
N ASN A 90 -7.86 33.97 -4.66
CA ASN A 90 -9.16 33.35 -4.90
C ASN A 90 -8.98 31.84 -4.90
N LEU A 91 -9.95 31.13 -4.33
CA LEU A 91 -9.98 29.67 -4.36
C LEU A 91 -11.35 29.22 -4.85
N ILE A 92 -11.42 28.77 -6.10
CA ILE A 92 -12.67 28.34 -6.72
C ILE A 92 -12.57 26.84 -6.95
N ALA A 93 -13.53 26.09 -6.41
CA ALA A 93 -13.50 24.64 -6.45
C ALA A 93 -14.72 24.10 -7.18
N LEU A 94 -14.49 23.25 -8.17
CA LEU A 94 -15.54 22.46 -8.80
C LEU A 94 -15.51 21.08 -8.16
N VAL A 95 -16.51 20.81 -7.32
CA VAL A 95 -16.55 19.60 -6.49
C VAL A 95 -17.61 18.68 -7.06
N ASP A 96 -17.22 17.46 -7.44
CA ASP A 96 -18.17 16.45 -7.89
C ASP A 96 -18.13 15.29 -6.90
N ARG A 97 -19.22 15.11 -6.16
CA ARG A 97 -19.28 14.10 -5.12
C ARG A 97 -19.90 12.81 -5.63
N SER A 98 -19.94 11.81 -4.75
CA SER A 98 -20.46 10.48 -5.02
C SER A 98 -21.69 10.21 -4.17
N PRO A 99 -22.66 9.44 -4.69
CA PRO A 99 -23.86 9.12 -3.91
C PRO A 99 -23.77 7.86 -3.05
N ARG A 100 -22.58 7.30 -2.85
CA ARG A 100 -22.51 6.00 -2.19
C ARG A 100 -21.51 5.97 -1.03
N TYR A 101 -20.42 6.75 -1.13
CA TYR A 101 -19.37 6.65 -0.12
C TYR A 101 -19.64 7.54 1.08
N SER A 102 -19.04 8.73 1.11
CA SER A 102 -19.18 9.63 2.25
C SER A 102 -20.53 10.35 2.22
N SER A 103 -21.12 10.50 3.40
CA SER A 103 -22.39 11.21 3.57
C SER A 103 -22.20 12.46 4.43
N ASP A 104 -21.02 13.07 4.36
CA ASP A 104 -20.71 14.24 5.18
C ASP A 104 -21.59 15.42 4.79
N GLU A 105 -21.94 16.22 5.79
CA GLU A 105 -22.66 17.47 5.58
C GLU A 105 -22.05 18.63 6.36
N LYS A 106 -20.86 18.46 6.91
CA LYS A 106 -20.21 19.48 7.72
C LYS A 106 -19.19 20.32 6.98
N VAL A 107 -18.63 19.82 5.89
CA VAL A 107 -17.61 20.57 5.17
C VAL A 107 -18.25 21.60 4.26
N LEU A 108 -19.17 21.16 3.39
CA LEU A 108 -19.76 22.03 2.38
C LEU A 108 -21.19 22.45 2.73
N GLY A 109 -21.63 22.23 3.97
CA GLY A 109 -22.91 22.71 4.45
C GLY A 109 -24.03 21.70 4.40
N GLU A 110 -23.97 20.73 3.50
CA GLU A 110 -25.02 19.72 3.40
C GLU A 110 -24.47 18.49 2.69
N ASP A 111 -25.28 17.44 2.68
CA ASP A 111 -24.94 16.21 1.99
C ASP A 111 -25.53 16.23 0.59
N PHE A 112 -24.70 15.98 -0.41
CA PHE A 112 -25.15 15.99 -1.80
C PHE A 112 -24.28 15.05 -2.62
N SER A 113 -24.76 14.76 -3.84
CA SER A 113 -24.06 13.87 -4.75
C SER A 113 -23.89 14.47 -6.15
N ASP A 114 -24.28 15.72 -6.35
CA ASP A 114 -24.18 16.35 -7.65
C ASP A 114 -22.87 17.13 -7.75
N THR A 115 -22.71 17.89 -8.82
CA THR A 115 -21.51 18.69 -9.07
C THR A 115 -21.83 20.15 -8.78
N ARG A 116 -20.97 20.80 -7.99
CA ARG A 116 -21.23 22.16 -7.55
C ARG A 116 -19.97 23.01 -7.65
N LEU A 117 -20.17 24.33 -7.71
CA LEU A 117 -19.09 25.31 -7.70
C LEU A 117 -19.11 26.05 -6.38
N TYR A 118 -17.96 26.10 -5.71
CA TYR A 118 -17.82 26.76 -4.42
C TYR A 118 -16.67 27.76 -4.47
N LYS A 119 -16.80 28.82 -3.68
CA LYS A 119 -15.69 29.72 -3.39
C LYS A 119 -15.31 29.51 -1.94
N ILE A 120 -14.04 29.20 -1.68
CA ILE A 120 -13.55 28.88 -0.36
C ILE A 120 -12.87 30.10 0.24
N GLU A 121 -13.27 30.44 1.47
CA GLU A 121 -12.63 31.47 2.26
C GLU A 121 -12.43 30.90 3.67
N HIS A 122 -11.84 31.70 4.56
CA HIS A 122 -11.50 31.19 5.89
C HIS A 122 -12.74 30.69 6.61
N ASN A 123 -12.74 29.39 6.94
CA ASN A 123 -13.84 28.72 7.64
C ASN A 123 -15.15 28.80 6.87
N LYS A 124 -15.08 28.92 5.55
CA LYS A 124 -16.28 29.25 4.78
C LYS A 124 -16.18 28.66 3.37
N ALA A 125 -17.32 28.24 2.85
CA ALA A 125 -17.41 27.77 1.46
C ALA A 125 -18.79 28.16 0.93
N ASN A 126 -18.84 29.22 0.12
CA ASN A 126 -20.12 29.72 -0.39
C ASN A 126 -20.37 29.20 -1.81
N ARG A 127 -21.57 28.68 -2.04
CA ARG A 127 -21.93 28.12 -3.33
C ARG A 127 -22.14 29.22 -4.36
N LEU A 128 -21.68 28.99 -5.58
CA LEU A 128 -21.71 29.97 -6.66
C LEU A 128 -22.67 29.54 -7.76
N ASP A 129 -22.92 30.47 -8.68
CA ASP A 129 -23.70 30.21 -9.87
C ASP A 129 -22.76 29.98 -11.06
N GLY A 130 -23.18 29.13 -11.99
CA GLY A 130 -22.33 28.83 -13.13
C GLY A 130 -22.27 29.93 -14.17
N LYS A 131 -23.27 30.81 -14.19
CA LYS A 131 -23.31 31.97 -15.09
C LYS A 131 -23.24 31.45 -16.53
N ASN A 132 -22.46 32.08 -17.41
CA ASN A 132 -22.47 31.72 -18.82
C ASN A 132 -21.55 30.55 -19.16
N GLU A 133 -20.41 30.44 -18.48
CA GLU A 133 -19.45 29.40 -18.83
C GLU A 133 -19.91 28.02 -18.39
N PHE A 134 -20.71 27.94 -17.33
CA PHE A 134 -21.22 26.67 -16.82
C PHE A 134 -22.70 26.80 -16.48
N PRO A 135 -23.54 27.09 -17.49
CA PRO A 135 -24.95 27.38 -17.19
C PRO A 135 -25.72 26.23 -16.57
N GLU A 136 -25.18 25.00 -16.63
CA GLU A 136 -25.87 23.87 -16.02
C GLU A 136 -25.81 23.91 -14.50
N ILE A 137 -24.84 24.62 -13.93
CA ILE A 137 -24.64 24.67 -12.49
C ILE A 137 -25.16 26.01 -11.98
N SER A 138 -25.97 25.96 -10.93
CA SER A 138 -26.48 27.15 -10.27
C SER A 138 -26.34 26.95 -8.76
N THR A 139 -26.91 27.86 -7.98
CA THR A 139 -26.93 27.70 -6.54
C THR A 139 -28.01 26.73 -6.06
N THR A 140 -28.94 26.33 -6.94
CA THR A 140 -29.99 25.39 -6.58
C THR A 140 -30.12 24.24 -7.57
N SER A 141 -29.17 24.08 -8.48
CA SER A 141 -29.24 23.00 -9.46
C SER A 141 -28.86 21.67 -8.83
N LYS A 142 -29.16 20.59 -9.55
CA LYS A 142 -28.76 19.23 -9.18
C LYS A 142 -28.14 18.61 -10.43
N TYR A 143 -27.02 19.16 -10.86
CA TYR A 143 -26.39 18.78 -12.11
C TYR A 143 -25.24 17.81 -11.85
N GLU A 144 -25.23 16.69 -12.57
CA GLU A 144 -24.20 15.68 -12.43
C GLU A 144 -23.26 15.76 -13.62
N ALA A 145 -22.01 16.09 -13.35
CA ALA A 145 -20.99 16.27 -14.38
C ALA A 145 -20.12 15.02 -14.50
N ASN A 146 -19.52 14.88 -15.67
CA ASN A 146 -18.54 13.82 -15.93
C ASN A 146 -17.15 14.43 -15.84
N MET A 147 -16.49 14.26 -14.69
CA MET A 147 -15.17 14.83 -14.51
C MET A 147 -14.14 14.20 -15.43
N GLY A 148 -14.43 13.03 -16.00
CA GLY A 148 -13.57 12.44 -17.01
C GLY A 148 -13.72 13.02 -18.39
N ASP A 149 -14.71 13.89 -18.59
CA ASP A 149 -14.88 14.60 -19.85
C ASP A 149 -14.02 15.86 -19.84
N PRO A 150 -13.05 15.99 -20.75
CA PRO A 150 -12.21 17.21 -20.74
C PRO A 150 -12.98 18.48 -21.02
N GLU A 151 -14.16 18.41 -21.62
CA GLU A 151 -14.97 19.61 -21.81
C GLU A 151 -15.41 20.19 -20.48
N VAL A 152 -15.63 19.35 -19.47
CA VAL A 152 -15.98 19.84 -18.14
C VAL A 152 -14.82 20.61 -17.53
N LEU A 153 -13.60 20.07 -17.63
CA LEU A 153 -12.43 20.78 -17.15
C LEU A 153 -12.24 22.09 -17.90
N LYS A 154 -12.49 22.09 -19.21
CA LYS A 154 -12.38 23.30 -20.01
C LYS A 154 -13.37 24.36 -19.56
N LYS A 155 -14.63 23.95 -19.35
CA LYS A 155 -15.65 24.87 -18.87
C LYS A 155 -15.30 25.42 -17.49
N PHE A 156 -14.72 24.59 -16.63
CA PHE A 156 -14.33 25.04 -15.30
C PHE A 156 -13.23 26.10 -15.40
N ILE A 157 -12.20 25.84 -16.22
CA ILE A 157 -11.10 26.80 -16.35
C ILE A 157 -11.62 28.10 -16.95
N ASP A 158 -12.49 28.02 -17.96
CA ASP A 158 -13.03 29.23 -18.57
C ASP A 158 -13.88 30.01 -17.58
N TYR A 159 -14.70 29.32 -16.78
CA TYR A 159 -15.48 29.98 -15.74
C TYR A 159 -14.58 30.74 -14.78
N CYS A 160 -13.52 30.09 -14.31
CA CYS A 160 -12.65 30.74 -13.34
C CYS A 160 -11.91 31.93 -13.96
N LYS A 161 -11.48 31.79 -15.23
CA LYS A 161 -10.79 32.90 -15.87
C LYS A 161 -11.73 34.06 -16.16
N SER A 162 -13.02 33.77 -16.36
CA SER A 162 -13.97 34.83 -16.68
C SER A 162 -14.47 35.55 -15.43
N ASN A 163 -14.77 34.82 -14.37
CA ASN A 163 -15.40 35.42 -13.20
C ASN A 163 -14.43 35.73 -12.07
N TYR A 164 -13.19 35.23 -12.15
CA TYR A 164 -12.18 35.48 -11.14
C TYR A 164 -10.84 35.70 -11.84
N GLU A 165 -10.77 36.76 -12.65
CA GLU A 165 -9.55 37.09 -13.39
C GLU A 165 -8.40 37.32 -12.43
N ALA A 166 -7.21 36.90 -12.87
CA ALA A 166 -6.02 36.98 -12.04
C ALA A 166 -4.79 37.11 -12.93
N ASP A 167 -3.69 37.54 -12.31
CA ASP A 167 -2.40 37.55 -13.00
C ASP A 167 -1.71 36.19 -12.98
N LYS A 168 -2.03 35.35 -12.01
CA LYS A 168 -1.44 34.02 -11.91
C LYS A 168 -2.55 32.99 -11.70
N TYR A 169 -2.45 31.88 -12.43
CA TYR A 169 -3.44 30.81 -12.38
C TYR A 169 -2.78 29.52 -11.92
N VAL A 170 -3.39 28.90 -10.91
CA VAL A 170 -2.97 27.60 -10.40
C VAL A 170 -4.13 26.64 -10.58
N LEU A 171 -3.83 25.43 -11.03
CA LEU A 171 -4.85 24.41 -11.28
C LEU A 171 -4.48 23.15 -10.51
N ILE A 172 -5.25 22.84 -9.47
CA ILE A 172 -5.03 21.64 -8.68
C ILE A 172 -6.08 20.61 -9.11
N MET A 173 -5.65 19.55 -9.78
CA MET A 173 -6.55 18.49 -10.20
C MET A 173 -6.40 17.32 -9.23
N ALA A 174 -7.49 16.96 -8.56
CA ALA A 174 -7.44 15.99 -7.45
C ALA A 174 -8.35 14.81 -7.74
N ASN A 175 -7.77 13.61 -7.72
CA ASN A 175 -8.44 12.33 -7.95
C ASN A 175 -7.41 11.21 -7.89
N HIS A 176 -7.66 10.11 -8.60
CA HIS A 176 -6.68 9.06 -8.84
C HIS A 176 -5.78 9.44 -10.00
N GLY A 177 -4.72 8.66 -10.20
CA GLY A 177 -3.80 8.90 -11.29
C GLY A 177 -3.17 7.60 -11.77
N GLY A 178 -2.82 7.57 -13.05
CA GLY A 178 -2.25 6.38 -13.64
C GLY A 178 -1.22 6.64 -14.73
N GLY A 179 -0.23 7.48 -14.42
CA GLY A 179 0.86 7.71 -15.34
C GLY A 179 0.51 8.61 -16.51
N ALA A 180 1.13 8.31 -17.65
CA ALA A 180 0.99 9.09 -18.87
C ALA A 180 -0.08 8.55 -19.82
N ARG A 181 -0.75 7.46 -19.44
CA ARG A 181 -1.78 6.87 -20.30
C ARG A 181 -2.92 7.87 -20.52
N ALA A 191 -3.47 8.22 -17.32
CA ALA A 191 -4.68 9.03 -17.26
C ALA A 191 -4.85 9.64 -15.88
N ILE A 192 -5.98 10.30 -15.66
CA ILE A 192 -6.24 10.99 -14.39
C ILE A 192 -7.74 11.26 -14.30
N CYS A 193 -8.23 11.36 -13.07
CA CYS A 193 -9.62 11.72 -12.79
C CYS A 193 -10.61 10.69 -13.33
N TRP A 194 -10.84 9.62 -12.55
CA TRP A 194 -11.86 8.63 -12.89
C TRP A 194 -13.18 9.02 -12.25
N ASP A 195 -14.25 9.00 -13.04
CA ASP A 195 -15.58 9.39 -12.59
C ASP A 195 -16.52 8.20 -12.68
N ASP A 196 -17.18 7.89 -11.56
CA ASP A 196 -18.09 6.75 -11.47
C ASP A 196 -19.48 7.02 -12.04
N SER A 197 -19.80 8.28 -12.35
CA SER A 197 -21.13 8.60 -12.85
C SER A 197 -21.31 8.36 -14.35
N ASN A 198 -20.21 8.22 -15.10
CA ASN A 198 -20.29 7.99 -16.54
C ASN A 198 -19.41 6.81 -16.92
N LEU A 199 -19.98 5.87 -17.68
CA LEU A 199 -19.28 4.68 -18.11
C LEU A 199 -18.84 4.82 -19.56
N ASP A 200 -17.62 4.37 -19.85
CA ASP A 200 -17.10 4.40 -21.21
C ASP A 200 -17.57 3.19 -22.01
N LYS A 201 -16.94 2.92 -23.13
CA LYS A 201 -17.35 1.82 -24.00
C LYS A 201 -16.91 0.46 -23.48
N ASN A 202 -16.34 0.39 -22.28
CA ASN A 202 -15.98 -0.88 -21.66
C ASN A 202 -16.68 -1.09 -20.33
N GLY A 203 -17.68 -0.27 -20.00
CA GLY A 203 -18.36 -0.39 -18.73
C GLY A 203 -17.56 0.06 -17.53
N GLU A 204 -16.45 0.75 -17.74
CA GLU A 204 -15.60 1.23 -16.66
C GLU A 204 -15.83 2.73 -16.44
N ALA A 205 -15.22 3.24 -15.37
CA ALA A 205 -15.33 4.66 -15.07
C ALA A 205 -14.56 5.48 -16.10
N ASP A 206 -15.18 6.54 -16.59
CA ASP A 206 -14.53 7.41 -17.55
C ASP A 206 -13.41 8.21 -16.88
N CYS A 207 -12.35 8.46 -17.64
CA CYS A 207 -11.18 9.15 -17.09
C CYS A 207 -10.64 10.13 -18.12
N LEU A 208 -9.80 11.05 -17.63
CA LEU A 208 -9.12 12.02 -18.48
C LEU A 208 -7.78 11.44 -18.92
N TYR A 209 -7.65 11.22 -20.22
CA TYR A 209 -6.35 10.83 -20.78
C TYR A 209 -5.56 12.08 -21.15
N MET A 210 -4.24 12.00 -20.99
CA MET A 210 -3.39 13.17 -21.18
C MET A 210 -3.54 13.71 -22.60
N GLY A 211 -3.39 12.83 -23.60
CA GLY A 211 -3.64 13.24 -24.97
C GLY A 211 -5.05 13.74 -25.20
N GLU A 212 -6.03 13.19 -24.48
CA GLU A 212 -7.40 13.68 -24.61
C GLU A 212 -7.51 15.12 -24.11
N ILE A 213 -6.89 15.41 -22.96
CA ILE A 213 -6.87 16.78 -22.45
C ILE A 213 -6.21 17.71 -23.45
N SER A 214 -5.11 17.26 -24.07
CA SER A 214 -4.46 18.09 -25.08
C SER A 214 -5.36 18.30 -26.31
N ASP A 215 -6.15 17.30 -26.65
CA ASP A 215 -7.00 17.40 -27.84
C ASP A 215 -8.15 18.38 -27.61
N HIS A 216 -8.73 18.39 -26.41
CA HIS A 216 -9.91 19.21 -26.18
C HIS A 216 -9.58 20.60 -25.65
N LEU A 217 -8.50 20.76 -24.92
CA LEU A 217 -8.15 22.06 -24.35
C LEU A 217 -7.19 22.81 -25.29
N THR A 218 -7.30 24.13 -25.28
CA THR A 218 -6.52 24.99 -26.14
C THR A 218 -5.61 25.88 -25.28
N GLU A 219 -4.91 26.78 -25.96
CA GLU A 219 -4.02 27.74 -25.30
C GLU A 219 -4.79 28.69 -24.39
N LYS A 220 -6.10 28.84 -24.62
CA LYS A 220 -6.90 29.76 -23.82
C LYS A 220 -6.97 29.33 -22.36
N GLN A 221 -6.80 28.03 -22.07
CA GLN A 221 -6.91 27.50 -20.72
C GLN A 221 -5.57 27.26 -20.05
N SER A 222 -4.47 27.77 -20.62
CA SER A 222 -3.16 27.55 -20.02
C SER A 222 -3.08 28.16 -18.63
N VAL A 223 -2.23 27.57 -17.78
CA VAL A 223 -2.09 27.95 -16.39
C VAL A 223 -0.63 28.25 -16.09
N ASP A 224 -0.42 28.97 -14.98
CA ASP A 224 0.94 29.23 -14.51
C ASP A 224 1.50 28.05 -13.73
N LEU A 225 0.70 27.42 -12.88
CA LEU A 225 1.14 26.23 -12.17
C LEU A 225 0.07 25.15 -12.24
N LEU A 226 0.50 23.90 -12.40
CA LEU A 226 -0.39 22.75 -12.48
C LEU A 226 0.02 21.74 -11.43
N ALA A 227 -0.83 21.54 -10.42
CA ALA A 227 -0.60 20.56 -9.37
C ALA A 227 -1.48 19.35 -9.61
N PHE A 228 -0.86 18.16 -9.61
CA PHE A 228 -1.54 16.89 -9.81
C PHE A 228 -1.63 16.21 -8.45
N ASP A 229 -2.76 16.39 -7.75
CA ASP A 229 -3.00 15.68 -6.49
C ASP A 229 -3.51 14.28 -6.81
N ALA A 230 -2.62 13.49 -7.42
CA ALA A 230 -2.97 12.15 -7.89
C ALA A 230 -1.69 11.32 -7.96
N CYS A 231 -1.88 10.01 -8.15
CA CYS A 231 -0.75 9.10 -8.15
C CYS A 231 -0.05 9.06 -9.51
N LEU A 232 1.25 8.79 -9.47
CA LEU A 232 2.04 8.42 -10.65
C LEU A 232 1.95 9.47 -11.76
N MET A 233 2.07 10.74 -11.38
CA MET A 233 1.93 11.83 -12.34
C MET A 233 3.26 12.52 -12.68
N GLY A 234 4.34 12.21 -11.98
CA GLY A 234 5.59 12.87 -12.26
C GLY A 234 6.44 12.14 -13.29
N THR A 235 5.90 11.98 -14.50
CA THR A 235 6.62 11.34 -15.58
C THR A 235 7.12 12.37 -16.58
N ALA A 236 8.18 12.01 -17.31
CA ALA A 236 8.70 12.91 -18.33
C ALA A 236 7.70 13.10 -19.47
N GLU A 237 6.95 12.06 -19.81
CA GLU A 237 5.93 12.19 -20.85
C GLU A 237 4.83 13.16 -20.41
N VAL A 238 4.37 13.07 -19.16
CA VAL A 238 3.34 13.98 -18.68
C VAL A 238 3.85 15.41 -18.68
N ALA A 239 5.09 15.61 -18.24
CA ALA A 239 5.63 16.97 -18.18
C ALA A 239 5.83 17.55 -19.57
N TYR A 240 6.25 16.71 -20.53
CA TYR A 240 6.41 17.18 -21.89
C TYR A 240 5.06 17.46 -22.54
N GLN A 241 4.02 16.72 -22.16
CA GLN A 241 2.71 16.90 -22.78
C GLN A 241 2.19 18.31 -22.61
N TYR A 242 2.42 18.91 -21.44
CA TYR A 242 1.85 20.21 -21.09
C TYR A 242 2.91 21.30 -21.01
N ARG A 243 4.01 21.15 -21.74
CA ARG A 243 5.06 22.15 -21.71
C ARG A 243 4.59 23.43 -22.40
N PRO A 244 5.10 24.59 -21.97
CA PRO A 244 4.75 25.85 -22.64
C PRO A 244 5.28 25.86 -24.07
N GLY A 245 4.46 26.35 -24.97
CA GLY A 245 4.85 26.45 -26.37
C GLY A 245 4.53 25.24 -27.21
N ASN A 246 3.73 24.30 -26.71
CA ASN A 246 3.35 23.16 -27.51
C ASN A 246 2.24 23.48 -28.50
N GLY A 247 1.68 24.68 -28.44
CA GLY A 247 0.64 25.12 -29.35
C GLY A 247 -0.76 25.11 -28.75
N GLY A 248 -0.96 24.39 -27.66
CA GLY A 248 -2.26 24.31 -27.03
C GLY A 248 -2.15 24.53 -25.53
N PHE A 249 -2.96 23.79 -24.78
CA PHE A 249 -2.98 23.90 -23.33
C PHE A 249 -1.63 23.55 -22.75
N SER A 250 -1.18 24.36 -21.79
CA SER A 250 0.14 24.18 -21.21
C SER A 250 0.17 24.71 -19.78
N ALA A 251 1.22 24.34 -19.07
CA ALA A 251 1.49 24.84 -17.73
C ALA A 251 2.96 25.24 -17.65
N ASP A 252 3.22 26.40 -17.04
CA ASP A 252 4.61 26.84 -16.92
C ASP A 252 5.39 25.98 -15.94
N THR A 253 4.72 25.48 -14.90
CA THR A 253 5.37 24.67 -13.87
C THR A 253 4.42 23.56 -13.44
N LEU A 254 5.01 22.46 -12.97
CA LEU A 254 4.25 21.26 -12.62
C LEU A 254 4.65 20.75 -11.25
N VAL A 255 3.65 20.38 -10.45
CA VAL A 255 3.86 19.75 -9.15
C VAL A 255 3.25 18.35 -9.23
N ALA A 256 4.07 17.34 -8.98
CA ALA A 256 3.58 15.97 -9.16
C ALA A 256 4.45 14.99 -8.39
N SER A 257 3.89 13.82 -8.13
CA SER A 257 4.60 12.73 -7.48
C SER A 257 4.81 11.61 -8.50
N SER A 258 6.04 11.07 -8.54
CA SER A 258 6.30 9.95 -9.43
C SER A 258 5.64 8.66 -8.97
N PRO A 259 5.68 8.28 -7.68
CA PRO A 259 4.94 7.09 -7.25
C PRO A 259 3.52 7.41 -6.80
N VAL A 260 2.87 6.46 -6.13
CA VAL A 260 1.54 6.69 -5.61
C VAL A 260 1.59 7.68 -4.44
N VAL A 261 0.54 8.46 -4.32
CA VAL A 261 0.39 9.38 -3.18
C VAL A 261 -0.43 8.67 -2.12
N TRP A 262 -0.08 8.89 -0.85
CA TRP A 262 -0.80 8.22 0.22
C TRP A 262 -2.21 8.79 0.36
N GLY A 263 -2.99 8.18 1.24
CA GLY A 263 -4.37 8.53 1.45
C GLY A 263 -4.63 10.01 1.74
N PRO A 264 -3.94 10.56 2.75
CA PRO A 264 -4.19 11.98 3.10
C PRO A 264 -3.94 12.94 1.95
N GLY A 265 -3.08 12.60 1.00
CA GLY A 265 -2.79 13.52 -0.09
C GLY A 265 -1.92 14.67 0.38
N PHE A 266 -2.29 15.88 -0.01
CA PHE A 266 -1.53 17.07 0.36
C PHE A 266 -2.06 17.67 1.65
N LYS A 267 -1.16 18.31 2.39
CA LYS A 267 -1.49 18.98 3.65
C LYS A 267 -1.86 20.43 3.31
N TYR A 268 -3.08 20.60 2.80
CA TYR A 268 -3.48 21.90 2.26
C TYR A 268 -3.56 22.96 3.35
N ASP A 269 -3.86 22.58 4.60
CA ASP A 269 -3.98 23.56 5.67
C ASP A 269 -2.66 24.28 5.89
N LYS A 270 -1.55 23.52 5.94
CA LYS A 270 -0.24 24.15 6.12
C LYS A 270 0.14 24.99 4.91
N ILE A 271 -0.11 24.47 3.71
CA ILE A 271 0.21 25.20 2.48
C ILE A 271 -0.48 26.56 2.48
N PHE A 272 -1.81 26.56 2.66
CA PHE A 272 -2.54 27.82 2.62
C PHE A 272 -2.29 28.68 3.84
N ASP A 273 -1.84 28.09 4.96
CA ASP A 273 -1.46 28.90 6.10
C ASP A 273 -0.13 29.60 5.86
N ARG A 274 0.67 29.13 4.90
CA ARG A 274 1.86 29.88 4.52
C ARG A 274 1.63 30.86 3.36
N ILE A 275 0.46 30.86 2.73
CA ILE A 275 0.16 31.82 1.65
C ILE A 275 -0.49 33.02 2.33
N LYS A 276 0.35 33.90 2.85
CA LYS A 276 -0.12 34.98 3.70
C LYS A 276 0.76 36.21 3.50
N ALA A 277 0.15 37.38 3.65
CA ALA A 277 0.90 38.62 3.59
C ALA A 277 1.58 38.88 4.93
N GLY A 278 2.33 39.99 5.00
CA GLY A 278 2.98 40.39 6.23
C GLY A 278 4.36 39.82 6.46
N GLY A 279 4.81 38.90 5.60
CA GLY A 279 6.11 38.30 5.81
C GLY A 279 6.12 37.44 7.07
N GLY A 280 7.27 37.38 7.71
CA GLY A 280 7.41 36.61 8.93
C GLY A 280 7.66 35.15 8.65
N THR A 281 7.82 34.38 9.73
CA THR A 281 8.14 32.98 9.63
C THR A 281 7.58 32.24 10.84
N ASN A 282 7.52 30.91 10.72
CA ASN A 282 7.35 30.04 11.87
C ASN A 282 8.72 29.51 12.28
N ASN A 283 8.73 28.65 13.29
CA ASN A 283 9.98 28.10 13.80
C ASN A 283 10.45 26.87 13.04
N GLU A 284 9.65 26.37 12.09
CA GLU A 284 9.99 25.15 11.38
C GLU A 284 11.07 25.42 10.33
N ASP A 285 11.98 24.46 10.17
CA ASP A 285 13.05 24.57 9.20
C ASP A 285 12.55 24.21 7.81
N ASP A 286 13.01 24.96 6.81
CA ASP A 286 12.67 24.73 5.41
C ASP A 286 13.81 23.93 4.78
N LEU A 287 13.54 22.67 4.44
CA LEU A 287 14.55 21.79 3.88
C LEU A 287 14.68 21.89 2.36
N THR A 288 13.76 22.57 1.69
CA THR A 288 13.91 22.80 0.25
C THR A 288 14.59 24.13 -0.04
N LEU A 289 14.16 25.19 0.65
CA LEU A 289 14.67 26.53 0.41
C LEU A 289 15.81 26.92 1.34
N GLY A 290 15.99 26.20 2.45
CA GLY A 290 16.99 26.59 3.43
C GLY A 290 16.51 27.67 4.35
N GLY A 291 16.94 27.62 5.61
CA GLY A 291 16.49 28.57 6.60
C GLY A 291 15.17 28.17 7.22
N LYS A 292 14.45 29.17 7.72
CA LYS A 292 13.16 28.94 8.33
C LYS A 292 12.05 29.08 7.29
N GLU A 293 10.97 28.34 7.50
CA GLU A 293 9.84 28.37 6.57
C GLU A 293 9.25 29.77 6.53
N GLN A 294 9.21 30.37 5.35
CA GLN A 294 8.72 31.72 5.17
C GLN A 294 7.25 31.72 4.75
N ASN A 295 6.61 32.85 4.98
CA ASN A 295 5.28 33.12 4.45
C ASN A 295 5.42 33.91 3.16
N PHE A 296 4.60 33.57 2.17
CA PHE A 296 4.67 34.18 0.85
C PHE A 296 3.41 34.99 0.62
N ASP A 297 3.59 36.29 0.42
CA ASP A 297 2.47 37.19 0.17
C ASP A 297 1.79 36.81 -1.14
N PRO A 298 0.47 36.60 -1.14
CA PRO A 298 -0.23 36.33 -2.42
C PRO A 298 -0.01 37.39 -3.46
N ALA A 299 0.33 38.62 -3.06
CA ALA A 299 0.54 39.69 -4.02
C ALA A 299 1.86 39.55 -4.76
N THR A 300 2.81 38.79 -4.22
CA THR A 300 4.14 38.68 -4.81
C THR A 300 4.62 37.24 -4.94
N ILE A 301 3.79 36.25 -4.63
CA ILE A 301 4.23 34.87 -4.65
C ILE A 301 4.51 34.44 -6.08
N THR A 302 5.58 33.67 -6.27
CA THR A 302 6.01 33.22 -7.58
C THR A 302 5.73 31.73 -7.75
N ASN A 303 5.93 31.24 -8.97
CA ASN A 303 5.76 29.81 -9.23
C ASN A 303 6.69 28.98 -8.35
N GLU A 304 7.95 29.40 -8.25
CA GLU A 304 8.93 28.63 -7.50
C GLU A 304 8.59 28.58 -6.02
N GLN A 305 8.08 29.69 -5.47
CA GLN A 305 7.73 29.72 -4.05
C GLN A 305 6.53 28.85 -3.75
N LEU A 306 5.52 28.86 -4.62
CA LEU A 306 4.36 28.00 -4.43
C LEU A 306 4.73 26.53 -4.58
N GLY A 307 5.60 26.21 -5.54
CA GLY A 307 6.06 24.84 -5.69
C GLY A 307 6.86 24.37 -4.49
N ALA A 308 7.74 25.24 -3.99
CA ALA A 308 8.49 24.92 -2.77
C ALA A 308 7.53 24.72 -1.60
N LEU A 309 6.45 25.48 -1.56
CA LEU A 309 5.43 25.29 -0.52
C LEU A 309 4.86 23.88 -0.60
N PHE A 310 4.36 23.50 -1.78
CA PHE A 310 3.83 22.15 -1.96
C PHE A 310 4.84 21.09 -1.55
N VAL A 311 6.06 21.18 -2.08
CA VAL A 311 7.06 20.13 -1.85
C VAL A 311 7.41 20.04 -0.37
N GLU A 312 7.67 21.18 0.27
CA GLU A 312 8.10 21.16 1.67
C GLU A 312 6.99 20.70 2.60
N GLU A 313 5.76 21.17 2.37
CA GLU A 313 4.67 20.74 3.26
C GLU A 313 4.38 19.26 3.07
N GLN A 314 4.46 18.75 1.83
CA GLN A 314 4.28 17.32 1.64
C GLN A 314 5.40 16.53 2.33
N ARG A 315 6.64 17.01 2.22
CA ARG A 315 7.74 16.36 2.90
C ARG A 315 7.50 16.28 4.40
N ASP A 316 7.15 17.43 5.01
CA ASP A 316 6.94 17.47 6.45
C ASP A 316 5.78 16.57 6.87
N SER A 317 4.65 16.66 6.17
CA SER A 317 3.48 15.87 6.54
C SER A 317 3.73 14.38 6.41
N THR A 318 4.38 13.95 5.31
CA THR A 318 4.60 12.52 5.11
C THR A 318 5.66 11.98 6.08
N HIS A 319 6.78 12.69 6.22
CA HIS A 319 7.83 12.19 7.10
C HIS A 319 7.44 12.27 8.58
N ALA A 320 6.49 13.15 8.93
CA ALA A 320 6.02 13.19 10.31
C ALA A 320 5.37 11.87 10.71
N ASN A 321 4.71 11.19 9.78
CA ASN A 321 4.07 9.91 10.04
C ASN A 321 4.92 8.73 9.59
N GLY A 322 6.22 8.94 9.41
CA GLY A 322 7.11 7.84 9.05
C GLY A 322 6.80 7.22 7.71
N ARG A 323 6.39 8.02 6.74
CA ARG A 323 6.07 7.54 5.40
C ARG A 323 7.16 8.04 4.46
N TYR A 324 8.31 7.37 4.49
CA TYR A 324 9.46 7.77 3.70
C TYR A 324 9.45 7.20 2.28
N ASP A 325 8.38 6.52 1.90
CA ASP A 325 8.18 6.12 0.51
C ASP A 325 7.57 7.23 -0.34
N GLN A 326 7.09 8.31 0.27
CA GLN A 326 6.36 9.34 -0.44
C GLN A 326 7.32 10.27 -1.19
N HIS A 327 6.84 10.81 -2.31
CA HIS A 327 7.65 11.67 -3.16
C HIS A 327 6.80 12.84 -3.64
N LEU A 328 7.48 13.93 -3.99
CA LEU A 328 6.84 15.06 -4.66
C LEU A 328 7.94 15.91 -5.29
N SER A 329 7.64 16.47 -6.47
CA SER A 329 8.61 17.21 -7.25
C SER A 329 7.95 18.43 -7.88
N PHE A 330 8.76 19.47 -8.08
CA PHE A 330 8.39 20.69 -8.75
C PHE A 330 9.27 20.83 -9.99
N TYR A 331 8.63 20.95 -11.16
CA TYR A 331 9.32 21.00 -12.43
C TYR A 331 9.05 22.33 -13.11
N ASP A 332 10.10 22.90 -13.71
CA ASP A 332 9.97 24.00 -14.66
C ASP A 332 9.73 23.38 -16.03
N LEU A 333 8.48 23.46 -16.51
CA LEU A 333 8.12 22.74 -17.73
C LEU A 333 8.76 23.33 -18.99
N LYS A 334 9.23 24.57 -18.96
CA LYS A 334 9.93 25.08 -20.13
C LYS A 334 11.29 24.41 -20.32
N LYS A 335 11.72 23.59 -19.38
CA LYS A 335 12.89 22.73 -19.57
C LYS A 335 12.51 21.33 -20.05
N ALA A 336 11.22 21.00 -20.04
CA ALA A 336 10.79 19.64 -20.35
C ALA A 336 11.29 19.19 -21.72
N GLU A 337 11.05 20.01 -22.74
CA GLU A 337 11.55 19.69 -24.08
C GLU A 337 13.06 19.43 -24.05
N SER A 338 13.81 20.29 -23.35
CA SER A 338 15.25 20.11 -23.28
C SER A 338 15.62 18.73 -22.76
N VAL A 339 14.83 18.20 -21.82
CA VAL A 339 15.06 16.84 -21.35
C VAL A 339 14.68 15.83 -22.42
N LYS A 340 13.48 15.99 -23.00
CA LYS A 340 12.98 15.03 -23.98
C LYS A 340 14.00 14.81 -25.09
N ARG A 341 14.34 15.91 -25.79
CA ARG A 341 15.34 15.85 -26.85
C ARG A 341 16.59 15.12 -26.36
N ALA A 342 17.08 15.46 -25.17
CA ALA A 342 18.26 14.81 -24.62
C ALA A 342 18.08 13.29 -24.60
N ILE A 343 17.02 12.82 -23.94
CA ILE A 343 16.75 11.38 -23.91
C ILE A 343 16.69 10.84 -25.32
N ASP A 344 16.03 11.56 -26.23
CA ASP A 344 15.92 11.09 -27.61
C ASP A 344 17.29 10.83 -28.20
N ASN A 345 18.24 11.76 -28.01
CA ASN A 345 19.59 11.54 -28.50
C ASN A 345 20.12 10.21 -27.97
N LEU A 346 20.05 10.03 -26.66
CA LEU A 346 20.46 8.77 -26.05
C LEU A 346 19.78 7.60 -26.73
N ALA A 347 18.45 7.71 -26.92
CA ALA A 347 17.70 6.63 -27.53
C ALA A 347 18.32 6.24 -28.86
N VAL A 348 18.61 7.23 -29.71
CA VAL A 348 19.20 6.94 -31.01
C VAL A 348 20.48 6.14 -30.83
N ASN A 349 21.36 6.60 -29.94
CA ASN A 349 22.60 5.88 -29.68
C ASN A 349 22.30 4.47 -29.19
N LEU A 350 21.35 4.32 -28.26
CA LEU A 350 21.02 3.00 -27.74
C LEU A 350 20.52 2.09 -28.87
N SER A 351 19.91 2.68 -29.90
CA SER A 351 19.51 1.86 -31.04
C SER A 351 20.71 1.52 -31.92
N ASN A 352 21.62 2.48 -32.12
CA ASN A 352 22.71 2.26 -33.04
C ASN A 352 23.74 1.29 -32.49
N GLU A 353 23.85 1.18 -31.17
CA GLU A 353 24.83 0.32 -30.54
C GLU A 353 24.25 -0.98 -30.03
N ASN A 354 22.97 -1.26 -30.32
CA ASN A 354 22.30 -2.51 -29.96
C ASN A 354 22.48 -2.83 -28.48
N LYS A 355 21.91 -1.97 -27.64
CA LYS A 355 22.09 -2.05 -26.19
C LYS A 355 20.84 -2.54 -25.46
N LYS A 356 19.94 -3.25 -26.17
CA LYS A 356 18.72 -3.72 -25.51
C LYS A 356 19.05 -4.62 -24.32
N SER A 357 20.05 -5.49 -24.48
CA SER A 357 20.40 -6.41 -23.40
C SER A 357 20.92 -5.67 -22.17
N GLU A 358 21.74 -4.65 -22.37
CA GLU A 358 22.32 -3.93 -21.25
C GLU A 358 21.27 -3.07 -20.53
N ILE A 359 20.39 -2.42 -21.30
CA ILE A 359 19.32 -1.65 -20.67
C ILE A 359 18.37 -2.57 -19.91
N GLU A 360 18.07 -3.73 -20.48
CA GLU A 360 17.22 -4.67 -19.76
C GLU A 360 17.89 -5.19 -18.49
N LYS A 361 19.22 -5.36 -18.53
CA LYS A 361 19.94 -5.76 -17.32
C LYS A 361 19.91 -4.65 -16.27
N LEU A 362 19.94 -3.39 -16.70
CA LEU A 362 19.83 -2.28 -15.75
C LEU A 362 18.43 -2.19 -15.15
N ARG A 363 17.41 -2.38 -15.99
CA ARG A 363 16.03 -2.25 -15.54
C ARG A 363 15.65 -3.40 -14.62
N GLY A 364 16.06 -4.61 -14.95
CA GLY A 364 15.69 -5.78 -14.18
C GLY A 364 14.38 -6.39 -14.65
N SER A 365 13.87 -7.29 -13.83
CA SER A 365 12.66 -8.04 -14.14
C SER A 365 12.08 -8.60 -12.85
N GLY A 366 10.76 -8.74 -12.83
CA GLY A 366 10.10 -9.31 -11.66
C GLY A 366 10.37 -8.49 -10.42
N ILE A 367 10.82 -9.17 -9.36
CA ILE A 367 11.15 -8.50 -8.11
C ILE A 367 12.63 -8.12 -8.00
N HIS A 368 13.43 -8.44 -9.02
CA HIS A 368 14.86 -8.16 -9.01
C HIS A 368 15.12 -6.98 -9.95
N THR A 369 15.03 -5.76 -9.40
CA THR A 369 15.39 -4.55 -10.12
C THR A 369 16.29 -3.69 -9.25
N ASP A 370 17.30 -3.08 -9.86
CA ASP A 370 18.20 -2.18 -9.17
C ASP A 370 17.98 -0.73 -9.55
N LEU A 371 17.23 -0.45 -10.60
CA LEU A 371 16.90 0.92 -10.95
C LEU A 371 15.88 1.48 -9.95
N MET A 372 16.00 2.78 -9.68
CA MET A 372 15.05 3.45 -8.80
C MET A 372 13.71 3.58 -9.52
N HIS A 373 12.66 3.00 -8.94
CA HIS A 373 11.36 2.90 -9.60
C HIS A 373 10.26 3.38 -8.66
N TYR A 374 9.06 3.50 -9.22
CA TYR A 374 7.93 4.10 -8.52
C TYR A 374 6.69 3.22 -8.61
N PHE A 375 6.88 1.90 -8.65
CA PHE A 375 5.77 0.95 -8.65
C PHE A 375 6.15 -0.23 -7.78
N ASP A 376 5.14 -1.02 -7.43
CA ASP A 376 5.35 -2.23 -6.63
C ASP A 376 5.82 -3.35 -7.56
N GLU A 377 7.13 -3.61 -7.56
CA GLU A 377 7.69 -4.61 -8.47
C GLU A 377 7.24 -6.03 -8.13
N TYR A 378 6.63 -6.24 -6.97
CA TYR A 378 6.07 -7.55 -6.62
C TYR A 378 4.74 -7.81 -7.31
N SER A 379 4.16 -6.81 -7.97
CA SER A 379 2.89 -6.94 -8.67
C SER A 379 3.16 -6.90 -10.18
N GLU A 380 2.89 -8.01 -10.86
CA GLU A 380 3.04 -8.02 -12.31
C GLU A 380 2.06 -7.06 -12.96
N GLY A 381 0.90 -6.86 -12.34
CA GLY A 381 -0.04 -5.86 -12.85
C GLY A 381 0.57 -4.47 -12.89
N GLU A 382 1.33 -4.10 -11.86
CA GLU A 382 1.99 -2.80 -11.88
C GLU A 382 3.16 -2.79 -12.86
N TRP A 383 3.81 -3.93 -13.07
CA TRP A 383 4.82 -4.02 -14.12
C TRP A 383 4.22 -3.73 -15.49
N VAL A 384 2.98 -4.19 -15.71
CA VAL A 384 2.34 -3.99 -17.00
C VAL A 384 1.80 -2.57 -17.12
N GLU A 385 1.21 -2.05 -16.05
CA GLU A 385 0.49 -0.78 -16.13
C GLU A 385 1.39 0.43 -15.87
N TYR A 386 2.25 0.37 -14.86
CA TYR A 386 3.05 1.53 -14.46
C TYR A 386 4.53 1.17 -14.28
N PRO A 387 5.19 0.67 -15.34
CA PRO A 387 6.63 0.38 -15.20
C PRO A 387 7.47 1.65 -15.36
N TYR A 388 7.34 2.55 -14.39
CA TYR A 388 7.98 3.86 -14.44
C TYR A 388 9.25 3.84 -13.60
N PHE A 389 10.37 4.24 -14.19
CA PHE A 389 11.66 4.27 -13.52
C PHE A 389 12.19 5.70 -13.47
N ASP A 390 13.06 5.96 -12.50
CA ASP A 390 13.64 7.29 -12.38
C ASP A 390 14.58 7.55 -13.55
N VAL A 391 14.38 8.69 -14.22
CA VAL A 391 15.17 8.99 -15.42
C VAL A 391 16.62 9.29 -15.05
N TYR A 392 16.81 10.12 -14.02
CA TYR A 392 18.16 10.48 -13.62
C TYR A 392 18.95 9.26 -13.17
N ASP A 393 18.30 8.33 -12.46
CA ASP A 393 19.00 7.11 -12.04
C ASP A 393 19.37 6.24 -13.24
N LEU A 394 18.48 6.13 -14.22
CA LEU A 394 18.81 5.38 -15.43
C LEU A 394 20.02 5.98 -16.13
N CYS A 395 20.02 7.31 -16.30
CA CYS A 395 21.13 7.95 -16.99
C CYS A 395 22.42 7.84 -16.18
N GLU A 396 22.32 7.90 -14.85
CA GLU A 396 23.51 7.78 -14.02
C GLU A 396 24.10 6.38 -14.10
N LYS A 397 23.24 5.35 -14.06
CA LYS A 397 23.75 3.99 -14.18
C LYS A 397 24.31 3.72 -15.56
N ILE A 398 23.74 4.32 -16.61
CA ILE A 398 24.35 4.21 -17.93
C ILE A 398 25.73 4.87 -17.92
N ASN A 399 25.82 6.08 -17.36
CA ASN A 399 27.07 6.84 -17.37
C ASN A 399 28.15 6.18 -16.53
N LYS A 400 27.76 5.38 -15.53
CA LYS A 400 28.74 4.76 -14.64
C LYS A 400 28.97 3.29 -14.93
N SER A 401 28.13 2.65 -15.74
CA SER A 401 28.32 1.24 -16.06
C SER A 401 29.45 1.08 -17.07
N GLU A 402 30.11 -0.07 -16.99
CA GLU A 402 31.21 -0.39 -17.89
C GLU A 402 30.74 -1.16 -19.12
N ASN A 403 29.43 -1.28 -19.32
CA ASN A 403 28.87 -1.94 -20.50
C ASN A 403 28.41 -0.93 -21.56
N PHE A 404 28.88 0.31 -21.48
CA PHE A 404 28.49 1.34 -22.42
C PHE A 404 29.72 2.09 -22.91
N SER A 405 29.66 2.54 -24.15
CA SER A 405 30.76 3.28 -24.75
C SER A 405 30.83 4.69 -24.17
N SER A 406 31.86 5.42 -24.59
CA SER A 406 32.02 6.81 -24.13
C SER A 406 30.90 7.70 -24.66
N LYS A 407 30.45 7.44 -25.89
CA LYS A 407 29.40 8.27 -26.49
C LYS A 407 28.10 8.14 -25.70
N THR A 408 27.72 6.91 -25.36
CA THR A 408 26.52 6.70 -24.56
C THR A 408 26.64 7.36 -23.20
N LYS A 409 27.82 7.26 -22.58
CA LYS A 409 28.05 7.90 -21.28
C LYS A 409 27.88 9.40 -21.37
N ASP A 410 28.41 10.02 -22.43
CA ASP A 410 28.32 11.47 -22.56
C ASP A 410 26.89 11.91 -22.82
N LEU A 411 26.16 11.16 -23.66
CA LEU A 411 24.74 11.47 -23.87
C LEU A 411 23.94 11.35 -22.57
N ALA A 412 24.25 10.33 -21.77
CA ALA A 412 23.58 10.18 -20.48
C ALA A 412 23.91 11.35 -19.55
N SER A 413 25.16 11.81 -19.57
CA SER A 413 25.54 12.96 -18.75
C SER A 413 24.80 14.22 -19.19
N ASN A 414 24.63 14.42 -20.50
CA ASN A 414 23.85 15.55 -20.98
C ASN A 414 22.41 15.45 -20.53
N ALA A 415 21.83 14.25 -20.60
CA ALA A 415 20.48 14.05 -20.08
C ALA A 415 20.40 14.40 -18.60
N MET A 416 21.41 14.00 -17.82
CA MET A 416 21.43 14.35 -16.41
C MET A 416 21.49 15.86 -16.19
N ASN A 417 22.27 16.57 -17.00
CA ASN A 417 22.33 18.03 -16.87
C ASN A 417 20.97 18.66 -17.16
N LYS A 418 20.32 18.23 -18.24
CA LYS A 418 19.00 18.76 -18.55
C LYS A 418 17.99 18.43 -17.44
N LEU A 419 18.08 17.22 -16.89
CA LEU A 419 17.18 16.84 -15.79
C LEU A 419 17.40 17.71 -14.56
N ASN A 420 18.67 17.95 -14.21
CA ASN A 420 18.96 18.83 -13.08
C ASN A 420 18.40 20.23 -13.32
N GLU A 421 18.49 20.71 -14.57
CA GLU A 421 17.91 22.01 -14.88
C GLU A 421 16.40 22.00 -14.74
N MET A 422 15.75 20.88 -15.07
CA MET A 422 14.28 20.86 -15.08
C MET A 422 13.70 20.70 -13.67
N ILE A 423 14.22 19.75 -12.90
CA ILE A 423 13.66 19.40 -11.59
C ILE A 423 14.18 20.43 -10.58
N VAL A 424 13.33 21.38 -10.19
CA VAL A 424 13.77 22.44 -9.29
C VAL A 424 13.84 21.92 -7.85
N TYR A 425 12.78 21.29 -7.36
CA TYR A 425 12.76 20.70 -6.04
C TYR A 425 12.19 19.29 -6.12
N SER A 426 12.62 18.45 -5.17
CA SER A 426 12.13 17.08 -5.07
C SER A 426 12.61 16.50 -3.74
N PHE A 427 11.78 15.64 -3.16
CA PHE A 427 12.17 14.89 -1.97
C PHE A 427 11.75 13.43 -2.16
N GLY A 428 12.52 12.53 -1.58
CA GLY A 428 12.25 11.12 -1.75
C GLY A 428 12.82 10.28 -0.63
N ASP A 429 12.89 8.97 -0.89
CA ASP A 429 13.36 7.99 0.08
C ASP A 429 14.85 8.15 0.31
N PRO A 430 15.30 8.51 1.52
CA PRO A 430 16.75 8.64 1.74
C PRO A 430 17.47 7.30 1.72
N SER A 431 16.79 6.21 2.09
CA SER A 431 17.38 4.89 2.01
C SER A 431 17.66 4.46 0.58
N ASN A 432 17.08 5.16 -0.41
CA ASN A 432 17.34 4.91 -1.81
C ASN A 432 18.39 5.85 -2.39
N ASN A 433 19.08 6.62 -1.53
CA ASN A 433 20.08 7.59 -1.97
C ASN A 433 19.48 8.62 -2.91
N PHE A 434 18.28 9.11 -2.56
CA PHE A 434 17.57 10.07 -3.38
C PHE A 434 18.35 11.38 -3.49
N LYS A 435 18.53 11.85 -4.72
CA LYS A 435 19.26 13.09 -4.99
C LYS A 435 18.26 14.20 -5.26
N GLU A 436 18.07 15.08 -4.29
CA GLU A 436 17.10 16.17 -4.44
C GLU A 436 17.46 17.07 -5.62
N GLY A 437 16.45 17.40 -6.41
CA GLY A 437 16.65 18.16 -7.62
C GLY A 437 17.16 17.36 -8.80
N LYS A 438 17.56 16.11 -8.60
CA LYS A 438 18.01 15.24 -9.68
C LYS A 438 17.06 14.06 -9.86
N ASN A 439 16.82 13.28 -8.81
CA ASN A 439 15.77 12.28 -8.86
C ASN A 439 14.40 12.94 -8.64
N GLY A 440 13.35 12.27 -9.09
CA GLY A 440 12.01 12.80 -8.89
C GLY A 440 11.16 12.81 -10.15
N LEU A 441 11.74 12.38 -11.27
CA LEU A 441 11.02 12.28 -12.52
C LEU A 441 11.11 10.86 -13.05
N SER A 442 9.99 10.33 -13.52
CA SER A 442 9.92 8.97 -14.01
C SER A 442 9.80 8.93 -15.53
N ILE A 443 10.01 7.73 -16.08
CA ILE A 443 9.98 7.49 -17.51
C ILE A 443 9.51 6.06 -17.73
N PHE A 444 8.83 5.84 -18.85
CA PHE A 444 8.26 4.55 -19.18
C PHE A 444 9.35 3.61 -19.71
N LEU A 445 9.62 2.54 -18.96
CA LEU A 445 10.65 1.57 -19.34
C LEU A 445 10.11 0.18 -19.06
N PRO A 446 9.42 -0.42 -20.03
CA PRO A 446 8.68 -1.67 -19.76
C PRO A 446 9.53 -2.92 -19.94
N ASN A 447 9.06 -3.99 -19.27
CA ASN A 447 9.54 -5.35 -19.53
C ASN A 447 8.79 -5.93 -20.72
N GLY A 448 9.00 -5.30 -21.88
CA GLY A 448 8.14 -5.54 -23.03
C GLY A 448 8.11 -6.97 -23.51
N ASP A 449 9.17 -7.74 -23.24
CA ASP A 449 9.23 -9.12 -23.69
C ASP A 449 8.60 -10.11 -22.72
N LYS A 450 8.47 -9.73 -21.45
CA LYS A 450 7.87 -10.63 -20.47
C LYS A 450 6.43 -10.95 -20.84
N LYS A 451 6.08 -12.22 -20.77
CA LYS A 451 4.76 -12.69 -21.14
C LYS A 451 3.91 -12.92 -19.89
N TYR A 452 2.62 -12.62 -20.00
CA TYR A 452 1.71 -12.67 -18.88
C TYR A 452 0.67 -13.77 -19.05
N LYS A 460 -0.48 -16.89 -23.14
CA LYS A 460 0.52 -15.94 -22.67
C LYS A 460 0.65 -14.77 -23.64
N ILE A 461 0.70 -13.56 -23.09
CA ILE A 461 0.72 -12.33 -23.89
C ILE A 461 1.88 -11.46 -23.45
N PRO A 462 2.64 -10.87 -24.38
CA PRO A 462 3.75 -9.99 -23.99
C PRO A 462 3.26 -8.71 -23.33
N HIS A 463 4.15 -8.08 -22.58
CA HIS A 463 3.79 -6.81 -21.94
C HIS A 463 3.62 -5.71 -22.96
N TRP A 464 4.47 -5.66 -23.99
CA TRP A 464 4.45 -4.56 -24.93
C TRP A 464 3.12 -4.48 -25.69
N THR A 465 2.52 -5.63 -26.01
CA THR A 465 1.24 -5.59 -26.70
C THR A 465 0.12 -5.07 -25.80
N MET A 466 0.29 -5.17 -24.48
CA MET A 466 -0.65 -4.58 -23.54
C MET A 466 -0.36 -3.10 -23.27
N GLN A 467 0.67 -2.55 -23.91
CA GLN A 467 1.10 -1.17 -23.67
C GLN A 467 0.99 -0.32 -24.94
N SER A 468 0.13 -0.74 -25.88
CA SER A 468 -0.09 0.04 -27.10
C SER A 468 -0.74 1.40 -26.83
N TRP A 469 -1.17 1.64 -25.59
CA TRP A 469 -1.64 2.97 -25.23
C TRP A 469 -0.49 3.98 -25.18
N TYR A 470 0.73 3.51 -24.91
CA TYR A 470 1.93 4.33 -24.94
C TYR A 470 2.29 4.56 -26.40
N ASN A 471 1.60 5.51 -27.02
CA ASN A 471 1.64 5.64 -28.46
C ASN A 471 1.46 7.11 -28.86
N SER A 472 1.72 7.38 -30.15
CA SER A 472 1.49 8.68 -30.73
C SER A 472 0.24 8.73 -31.59
N ILE A 473 -0.29 7.59 -32.00
CA ILE A 473 -1.41 7.51 -32.93
C ILE A 473 -2.73 7.65 -32.18
N ASP A 474 -3.82 7.74 -32.94
CA ASP A 474 -5.18 7.69 -32.39
C ASP A 474 -5.55 6.22 -32.24
N THR A 475 -5.34 5.68 -31.03
CA THR A 475 -5.41 4.24 -30.84
C THR A 475 -6.82 3.71 -31.08
N VAL A 476 -7.84 4.45 -30.65
CA VAL A 476 -9.22 4.01 -30.88
C VAL A 476 -9.50 3.90 -32.37
N LYS A 477 -8.93 4.80 -33.18
CA LYS A 477 -9.13 4.74 -34.62
C LYS A 477 -8.51 3.48 -35.22
N TYR A 478 -7.49 2.92 -34.56
CA TYR A 478 -6.83 1.71 -35.01
C TYR A 478 -7.27 0.47 -34.24
N GLY A 479 -8.35 0.56 -33.48
CA GLY A 479 -8.90 -0.58 -32.77
C GLY A 479 -8.25 -0.93 -31.46
N LEU A 480 -7.30 -0.14 -30.98
CA LEU A 480 -6.62 -0.44 -29.73
C LEU A 480 -7.38 0.17 -28.55
N ASN A 481 -6.84 -0.03 -27.34
CA ASN A 481 -7.51 0.44 -26.14
C ASN A 481 -7.44 1.97 -26.05
N PRO A 482 -8.39 2.59 -25.32
CA PRO A 482 -8.54 4.05 -25.37
C PRO A 482 -7.28 4.91 -25.30
N TYR A 483 -7.14 5.71 -26.34
CA TYR A 483 -6.30 6.91 -26.42
C TYR A 483 -4.79 6.72 -26.37
N GLY A 484 -4.11 7.45 -27.25
CA GLY A 484 -2.67 7.61 -27.28
C GLY A 484 -2.35 9.08 -27.46
N LYS A 485 -1.94 9.45 -28.68
CA LYS A 485 -1.71 10.85 -29.05
C LYS A 485 -0.83 11.58 -28.04
N LEU A 486 0.22 10.90 -27.57
CA LEU A 486 1.18 11.50 -26.66
C LEU A 486 2.23 12.22 -27.49
N SER A 487 2.30 13.55 -27.32
CA SER A 487 3.27 14.33 -28.08
C SER A 487 4.69 13.88 -27.80
N TRP A 488 4.94 13.33 -26.61
CA TRP A 488 6.23 12.74 -26.29
C TRP A 488 6.60 11.64 -27.29
N CYS A 489 5.61 10.83 -27.70
CA CYS A 489 5.89 9.78 -28.67
C CYS A 489 5.86 10.27 -30.10
N LYS A 490 5.10 11.33 -30.38
CA LYS A 490 4.98 11.83 -31.74
C LYS A 490 6.19 12.65 -32.16
N ASP A 491 6.60 13.61 -31.34
CA ASP A 491 7.67 14.51 -31.71
C ASP A 491 9.01 13.79 -31.72
N GLY A 492 9.82 14.09 -32.73
CA GLY A 492 11.15 13.53 -32.83
C GLY A 492 11.22 12.14 -33.45
N GLN A 493 10.11 11.63 -33.98
CA GLN A 493 10.14 10.35 -34.67
C GLN A 493 10.97 10.47 -35.94
N ASP A 494 11.71 9.41 -36.27
CA ASP A 494 12.43 9.33 -37.53
C ASP A 494 11.51 8.74 -38.58
N PRO A 495 11.14 9.49 -39.62
CA PRO A 495 10.23 8.95 -40.64
C PRO A 495 10.77 7.73 -41.36
N GLU A 496 12.09 7.57 -41.42
CA GLU A 496 12.67 6.43 -42.12
C GLU A 496 12.29 5.13 -41.44
N ILE A 497 12.06 4.11 -42.26
CA ILE A 497 11.65 2.81 -41.75
C ILE A 497 12.85 2.10 -41.15
N ASN A 498 12.62 1.36 -40.08
CA ASN A 498 13.69 0.70 -39.31
C ASN A 498 14.72 1.71 -38.83
N LYS A 499 14.24 2.86 -38.37
CA LYS A 499 15.10 3.92 -37.85
C LYS A 499 14.48 4.52 -36.60
N VAL A 500 15.25 4.53 -35.52
CA VAL A 500 14.79 4.99 -34.21
C VAL A 500 15.07 6.47 -34.09
N GLY A 501 14.06 7.23 -33.69
CA GLY A 501 14.22 8.67 -33.52
C GLY A 501 14.08 9.13 -32.08
N ASN A 502 13.22 8.46 -31.31
CA ASN A 502 12.93 8.88 -29.94
C ASN A 502 12.77 7.65 -29.05
N TRP A 503 12.42 7.91 -27.78
CA TRP A 503 12.31 6.84 -26.80
C TRP A 503 11.20 5.85 -27.18
N PHE A 504 10.07 6.38 -27.66
CA PHE A 504 8.96 5.53 -28.07
C PHE A 504 9.37 4.57 -29.18
N GLU A 505 10.03 5.09 -30.22
CA GLU A 505 10.48 4.23 -31.31
C GLU A 505 11.55 3.25 -30.85
N LEU A 506 12.40 3.63 -29.89
CA LEU A 506 13.37 2.70 -29.35
C LEU A 506 12.68 1.52 -28.68
N LEU A 507 11.72 1.80 -27.80
CA LEU A 507 10.97 0.72 -27.16
C LEU A 507 10.25 -0.14 -28.18
N ASP A 508 9.66 0.48 -29.21
CA ASP A 508 8.95 -0.28 -30.23
C ASP A 508 9.90 -1.19 -31.01
N SER A 509 11.11 -0.69 -31.31
CA SER A 509 12.09 -1.51 -32.01
C SER A 509 12.59 -2.64 -31.12
N TRP A 510 12.59 -2.44 -29.80
CA TRP A 510 13.09 -3.49 -28.92
C TRP A 510 12.05 -4.57 -28.63
N PHE A 511 10.75 -4.22 -28.63
CA PHE A 511 9.74 -5.13 -28.13
C PHE A 511 8.71 -5.58 -29.15
N ASP A 512 8.50 -4.86 -30.25
CA ASP A 512 7.60 -5.32 -31.30
C ASP A 512 8.35 -6.28 -32.21
N LYS A 513 7.84 -7.50 -32.35
CA LYS A 513 8.55 -8.53 -33.09
C LYS A 513 8.39 -8.42 -34.60
N THR A 514 7.38 -7.70 -35.09
CA THR A 514 7.20 -7.49 -36.52
C THR A 514 7.06 -6.00 -36.80
N ASN A 515 7.64 -5.54 -37.91
CA ASN A 515 7.64 -4.13 -38.25
C ASN A 515 7.32 -3.95 -39.74
N ASP A 516 6.19 -4.47 -40.18
CA ASP A 516 5.72 -4.25 -41.54
C ASP A 516 4.88 -2.98 -41.58
N VAL A 517 4.19 -2.73 -42.70
CA VAL A 517 3.41 -1.51 -42.83
C VAL A 517 2.26 -1.47 -41.83
N THR A 518 1.74 -2.64 -41.43
CA THR A 518 0.64 -2.66 -40.47
C THR A 518 1.07 -2.19 -39.08
N GLY A 519 2.37 -2.14 -38.82
CA GLY A 519 2.88 -1.52 -37.61
C GLY A 519 2.98 -2.39 -36.39
N GLY A 520 3.01 -3.71 -36.55
CA GLY A 520 3.18 -4.59 -35.40
C GLY A 520 1.97 -4.56 -34.48
N VAL A 521 2.25 -4.62 -33.17
CA VAL A 521 1.19 -4.74 -32.19
C VAL A 521 0.60 -3.41 -31.76
N ASN A 522 1.34 -2.32 -31.90
CA ASN A 522 0.85 -0.99 -31.56
C ASN A 522 0.46 -0.18 -32.78
N HIS A 523 0.44 -0.82 -33.95
CA HIS A 523 0.04 -0.17 -35.21
C HIS A 523 0.87 1.07 -35.49
N TYR A 524 2.17 0.99 -35.21
CA TYR A 524 3.12 2.03 -35.56
C TYR A 524 4.36 1.36 -36.14
N GLN A 525 4.81 1.82 -37.31
CA GLN A 525 5.99 1.27 -37.96
C GLN A 525 7.17 2.18 -37.64
N TRP A 526 8.09 1.71 -36.82
CA TRP A 526 9.26 2.47 -36.44
C TRP A 526 10.31 2.42 -37.55
N LYS B 52 20.74 -29.61 25.38
CA LYS B 52 22.11 -29.28 25.07
C LYS B 52 22.53 -29.86 23.72
N ASN B 53 21.84 -30.92 23.29
CA ASN B 53 22.01 -31.50 21.97
C ASN B 53 20.66 -31.76 21.33
N GLN B 54 19.78 -30.77 21.40
CA GLN B 54 18.45 -30.91 20.84
C GLN B 54 18.52 -30.93 19.32
N LYS B 55 17.43 -31.38 18.70
CA LYS B 55 17.22 -31.25 17.27
C LYS B 55 15.98 -30.39 17.04
N VAL B 56 16.03 -29.56 16.01
CA VAL B 56 14.96 -28.61 15.72
C VAL B 56 14.46 -28.87 14.31
N THR B 57 13.17 -29.14 14.17
CA THR B 57 12.56 -29.31 12.85
C THR B 57 11.65 -28.13 12.56
N ILE B 58 11.87 -27.50 11.41
CA ILE B 58 11.12 -26.33 10.97
C ILE B 58 10.28 -26.73 9.76
N MET B 59 8.98 -26.58 9.88
CA MET B 59 8.00 -27.02 8.90
C MET B 59 7.44 -25.79 8.22
N TYR B 60 7.73 -25.66 6.92
CA TYR B 60 7.39 -24.47 6.13
C TYR B 60 6.17 -24.81 5.27
N TYR B 61 5.01 -24.30 5.68
CA TYR B 61 3.75 -24.46 4.95
C TYR B 61 3.66 -23.31 3.96
N CYS B 62 4.18 -23.53 2.75
CA CYS B 62 4.33 -22.48 1.73
C CYS B 62 3.17 -22.56 0.76
N ASP B 63 2.27 -21.57 0.83
CA ASP B 63 1.09 -21.55 -0.03
C ASP B 63 1.30 -20.55 -1.16
N ALA B 64 2.18 -20.92 -2.09
CA ALA B 64 2.47 -20.08 -3.25
C ALA B 64 1.47 -20.28 -4.38
N ASP B 65 0.27 -20.79 -4.07
CA ASP B 65 -0.78 -20.97 -5.08
C ASP B 65 -1.60 -19.69 -5.22
N ASN B 66 -0.90 -18.59 -5.49
CA ASN B 66 -1.52 -17.27 -5.59
C ASN B 66 -0.47 -16.32 -6.18
N ASN B 67 -0.77 -15.02 -6.13
CA ASN B 67 0.10 -14.02 -6.74
C ASN B 67 1.41 -13.83 -5.99
N LEU B 68 1.53 -14.36 -4.78
CA LEU B 68 2.76 -14.29 -4.02
C LEU B 68 3.73 -15.42 -4.35
N GLU B 69 3.56 -16.09 -5.50
CA GLU B 69 4.39 -17.23 -5.84
C GLU B 69 5.85 -16.82 -5.98
N GLY B 70 6.11 -15.74 -6.72
CA GLY B 70 7.48 -15.29 -6.89
C GLY B 70 8.14 -14.88 -5.60
N SER B 71 7.39 -14.19 -4.73
CA SER B 71 7.94 -13.80 -3.43
C SER B 71 8.29 -15.03 -2.58
N LEU B 72 7.43 -16.05 -2.59
CA LEU B 72 7.70 -17.23 -1.77
C LEU B 72 8.83 -18.07 -2.36
N LEU B 73 8.97 -18.10 -3.69
CA LEU B 73 10.13 -18.75 -4.28
C LEU B 73 11.42 -18.01 -3.93
N ASN B 74 11.37 -16.67 -3.90
CA ASN B 74 12.51 -15.91 -3.42
C ASN B 74 12.80 -16.20 -1.96
N ASP B 75 11.76 -16.43 -1.15
CA ASP B 75 11.96 -16.82 0.23
C ASP B 75 12.64 -18.17 0.35
N ILE B 76 12.24 -19.14 -0.49
CA ILE B 76 12.90 -20.44 -0.45
C ILE B 76 14.36 -20.32 -0.88
N GLU B 77 14.63 -19.47 -1.88
CA GLU B 77 16.01 -19.22 -2.28
C GLU B 77 16.81 -18.61 -1.14
N GLU B 78 16.21 -17.67 -0.40
CA GLU B 78 16.88 -17.07 0.75
C GLU B 78 17.14 -18.12 1.84
N MET B 79 16.18 -19.02 2.06
CA MET B 79 16.38 -20.10 3.03
C MET B 79 17.57 -20.97 2.62
N LYS B 80 17.59 -21.42 1.36
CA LYS B 80 18.70 -22.23 0.89
C LYS B 80 20.03 -21.51 1.06
N THR B 81 20.05 -20.19 0.82
CA THR B 81 21.28 -19.44 0.93
C THR B 81 21.74 -19.30 2.39
N GLY B 82 20.81 -19.02 3.30
CA GLY B 82 21.16 -18.81 4.68
C GLY B 82 21.28 -20.06 5.52
N TYR B 83 20.68 -21.16 5.07
CA TYR B 83 20.68 -22.41 5.84
C TYR B 83 22.11 -22.90 6.07
N LYS B 84 22.40 -23.27 7.31
CA LYS B 84 23.68 -23.85 7.69
C LYS B 84 23.49 -25.31 8.05
N ASP B 85 24.15 -26.20 7.30
CA ASP B 85 24.00 -27.63 7.52
C ASP B 85 24.45 -28.00 8.92
N SER B 86 23.62 -28.78 9.62
CA SER B 86 23.91 -29.15 11.00
C SER B 86 23.08 -30.37 11.36
N PRO B 87 23.62 -31.32 12.13
CA PRO B 87 22.82 -32.49 12.54
C PRO B 87 21.75 -32.17 13.56
N ASN B 88 21.65 -30.92 14.03
CA ASN B 88 20.62 -30.52 14.96
C ASN B 88 19.49 -29.74 14.31
N LEU B 89 19.41 -29.76 12.98
CA LEU B 89 18.46 -28.92 12.26
C LEU B 89 17.85 -29.67 11.09
N ASN B 90 16.56 -29.41 10.86
CA ASN B 90 15.84 -29.89 9.69
C ASN B 90 14.93 -28.78 9.20
N LEU B 91 14.82 -28.65 7.88
CA LEU B 91 13.90 -27.71 7.25
C LEU B 91 13.10 -28.47 6.20
N ILE B 92 11.83 -28.74 6.51
CA ILE B 92 10.94 -29.49 5.63
C ILE B 92 9.86 -28.55 5.13
N ALA B 93 9.74 -28.43 3.81
CA ALA B 93 8.83 -27.46 3.19
C ALA B 93 7.78 -28.17 2.35
N LEU B 94 6.51 -27.86 2.61
CA LEU B 94 5.41 -28.26 1.75
C LEU B 94 5.06 -27.06 0.88
N VAL B 95 5.43 -27.12 -0.39
CA VAL B 95 5.31 -26.00 -1.32
C VAL B 95 4.19 -26.31 -2.30
N ASP B 96 3.19 -25.43 -2.36
CA ASP B 96 2.12 -25.54 -3.35
C ASP B 96 2.18 -24.33 -4.26
N ARG B 97 2.51 -24.55 -5.53
CA ARG B 97 2.72 -23.47 -6.49
C ARG B 97 1.45 -23.18 -7.29
N SER B 98 1.53 -22.17 -8.17
CA SER B 98 0.46 -21.69 -9.02
C SER B 98 0.79 -21.92 -10.49
N PRO B 99 -0.22 -22.18 -11.33
CA PRO B 99 0.04 -22.41 -12.75
C PRO B 99 -0.01 -21.18 -13.64
N ARG B 100 -0.04 -19.96 -13.09
CA ARG B 100 -0.21 -18.79 -13.95
C ARG B 100 0.85 -17.72 -13.69
N TYR B 101 1.33 -17.60 -12.45
CA TYR B 101 2.22 -16.49 -12.13
C TYR B 101 3.67 -16.78 -12.47
N SER B 102 4.46 -17.20 -11.48
CA SER B 102 5.88 -17.42 -11.69
C SER B 102 6.13 -18.75 -12.39
N SER B 103 7.08 -18.73 -13.33
CA SER B 103 7.51 -19.93 -14.06
C SER B 103 8.95 -20.26 -13.75
N ASP B 104 9.40 -19.94 -12.54
CA ASP B 104 10.79 -20.17 -12.16
C ASP B 104 11.12 -21.65 -12.16
N GLU B 105 12.36 -21.96 -12.55
CA GLU B 105 12.88 -23.31 -12.48
C GLU B 105 14.27 -23.35 -11.86
N LYS B 106 14.73 -22.24 -11.27
CA LYS B 106 16.08 -22.14 -10.75
C LYS B 106 16.17 -22.37 -9.25
N VAL B 107 15.08 -22.16 -8.51
CA VAL B 107 15.11 -22.32 -7.06
C VAL B 107 14.92 -23.78 -6.67
N LEU B 108 13.86 -24.41 -7.17
CA LEU B 108 13.51 -25.77 -6.77
C LEU B 108 13.88 -26.81 -7.82
N GLY B 109 14.66 -26.44 -8.82
CA GLY B 109 15.18 -27.36 -9.81
C GLY B 109 14.38 -27.41 -11.09
N GLU B 110 13.08 -27.12 -11.03
CA GLU B 110 12.24 -27.14 -12.22
C GLU B 110 11.02 -26.28 -11.97
N ASP B 111 10.24 -26.06 -13.03
CA ASP B 111 9.00 -25.30 -12.97
C ASP B 111 7.83 -26.27 -12.80
N PHE B 112 7.00 -26.02 -11.79
CA PHE B 112 5.85 -26.88 -11.54
C PHE B 112 4.74 -26.08 -10.89
N SER B 113 3.56 -26.69 -10.86
CA SER B 113 2.38 -26.07 -10.29
C SER B 113 1.64 -26.96 -9.31
N ASP B 114 2.17 -28.14 -9.00
CA ASP B 114 1.53 -29.06 -8.07
C ASP B 114 2.08 -28.84 -6.67
N THR B 115 1.72 -29.72 -5.73
CA THR B 115 2.16 -29.62 -4.35
C THR B 115 3.26 -30.64 -4.11
N ARG B 116 4.36 -30.21 -3.51
CA ARG B 116 5.53 -31.06 -3.34
C ARG B 116 6.10 -30.90 -1.94
N LEU B 117 6.86 -31.93 -1.53
CA LEU B 117 7.60 -31.93 -0.28
C LEU B 117 9.09 -31.85 -0.57
N TYR B 118 9.77 -30.89 0.06
CA TYR B 118 11.18 -30.68 -0.13
C TYR B 118 11.89 -30.65 1.21
N LYS B 119 13.15 -31.07 1.22
CA LYS B 119 14.05 -30.86 2.34
C LYS B 119 15.08 -29.84 1.91
N ILE B 120 15.21 -28.76 2.67
CA ILE B 120 16.07 -27.63 2.34
C ILE B 120 17.38 -27.78 3.09
N GLU B 121 18.49 -27.69 2.36
CA GLU B 121 19.82 -27.62 2.94
C GLU B 121 20.59 -26.51 2.24
N HIS B 122 21.83 -26.28 2.65
CA HIS B 122 22.60 -25.17 2.12
C HIS B 122 22.74 -25.30 0.59
N ASN B 123 22.22 -24.32 -0.13
CA ASN B 123 22.26 -24.27 -1.59
C ASN B 123 21.57 -25.48 -2.24
N LYS B 124 20.61 -26.08 -1.53
CA LYS B 124 20.08 -27.36 -1.97
C LYS B 124 18.62 -27.51 -1.55
N ALA B 125 17.84 -28.16 -2.42
CA ALA B 125 16.44 -28.47 -2.10
C ALA B 125 16.14 -29.82 -2.76
N ASN B 126 16.12 -30.89 -1.95
CA ASN B 126 15.90 -32.23 -2.49
C ASN B 126 14.45 -32.66 -2.27
N ARG B 127 13.82 -33.16 -3.33
CA ARG B 127 12.43 -33.58 -3.27
C ARG B 127 12.29 -34.89 -2.49
N LEU B 128 11.25 -34.98 -1.67
CA LEU B 128 11.04 -36.10 -0.77
C LEU B 128 9.82 -36.91 -1.17
N ASP B 129 9.68 -38.07 -0.54
CA ASP B 129 8.51 -38.91 -0.70
C ASP B 129 7.60 -38.72 0.51
N GLY B 130 6.28 -38.86 0.27
CA GLY B 130 5.33 -38.64 1.33
C GLY B 130 5.26 -39.77 2.34
N LYS B 131 5.71 -40.96 1.98
CA LYS B 131 5.76 -42.13 2.87
C LYS B 131 4.34 -42.42 3.38
N ASN B 132 4.16 -42.72 4.67
CA ASN B 132 2.85 -43.13 5.16
C ASN B 132 1.95 -41.96 5.52
N GLU B 133 2.51 -40.88 6.04
CA GLU B 133 1.70 -39.75 6.50
C GLU B 133 1.17 -38.91 5.35
N PHE B 134 1.86 -38.90 4.21
CA PHE B 134 1.43 -38.13 3.04
C PHE B 134 1.58 -38.97 1.78
N PRO B 135 0.86 -40.10 1.69
CA PRO B 135 1.06 -41.01 0.56
C PRO B 135 0.72 -40.41 -0.79
N GLU B 136 0.02 -39.27 -0.82
CA GLU B 136 -0.36 -38.64 -2.08
C GLU B 136 0.83 -38.00 -2.78
N ILE B 137 1.88 -37.65 -2.04
CA ILE B 137 3.03 -36.94 -2.59
C ILE B 137 4.19 -37.92 -2.75
N SER B 138 4.83 -37.90 -3.91
CA SER B 138 6.00 -38.72 -4.16
C SER B 138 7.08 -37.87 -4.82
N THR B 139 8.18 -38.48 -5.23
CA THR B 139 9.19 -37.75 -5.98
C THR B 139 8.82 -37.58 -7.45
N THR B 140 7.80 -38.29 -7.93
CA THR B 140 7.33 -38.18 -9.30
C THR B 140 5.83 -37.96 -9.37
N SER B 141 5.17 -37.69 -8.26
CA SER B 141 3.73 -37.51 -8.25
C SER B 141 3.35 -36.16 -8.85
N LYS B 142 2.06 -36.01 -9.16
CA LYS B 142 1.49 -34.76 -9.63
C LYS B 142 0.23 -34.48 -8.81
N TYR B 143 0.42 -34.21 -7.53
CA TYR B 143 -0.67 -34.07 -6.58
C TYR B 143 -1.00 -32.60 -6.37
N GLU B 144 -2.28 -32.27 -6.48
CA GLU B 144 -2.77 -30.91 -6.31
C GLU B 144 -3.50 -30.83 -4.98
N ALA B 145 -2.96 -30.04 -4.06
CA ALA B 145 -3.51 -29.91 -2.72
C ALA B 145 -4.35 -28.64 -2.59
N ASN B 146 -5.27 -28.67 -1.63
CA ASN B 146 -6.05 -27.50 -1.24
C ASN B 146 -5.43 -26.98 0.04
N MET B 147 -4.61 -25.93 -0.08
CA MET B 147 -3.93 -25.37 1.07
C MET B 147 -4.90 -24.78 2.09
N GLY B 148 -6.13 -24.49 1.68
CA GLY B 148 -7.17 -24.06 2.60
C GLY B 148 -7.83 -25.17 3.37
N ASP B 149 -7.50 -26.42 3.04
CA ASP B 149 -8.00 -27.58 3.77
C ASP B 149 -7.09 -27.84 4.96
N PRO B 150 -7.59 -27.77 6.20
CA PRO B 150 -6.73 -28.04 7.35
C PRO B 150 -6.21 -29.47 7.39
N GLU B 151 -6.85 -30.40 6.67
CA GLU B 151 -6.31 -31.76 6.60
C GLU B 151 -4.95 -31.79 5.92
N VAL B 152 -4.70 -30.90 4.97
CA VAL B 152 -3.39 -30.84 4.34
C VAL B 152 -2.34 -30.39 5.35
N LEU B 153 -2.64 -29.36 6.13
CA LEU B 153 -1.73 -28.91 7.18
C LEU B 153 -1.50 -30.01 8.21
N LYS B 154 -2.55 -30.75 8.55
CA LYS B 154 -2.44 -31.84 9.52
C LYS B 154 -1.52 -32.94 9.01
N LYS B 155 -1.72 -33.34 7.74
CA LYS B 155 -0.85 -34.35 7.15
C LYS B 155 0.59 -33.87 7.09
N PHE B 156 0.80 -32.59 6.81
CA PHE B 156 2.15 -32.05 6.76
C PHE B 156 2.83 -32.11 8.12
N ILE B 157 2.13 -31.68 9.17
CA ILE B 157 2.70 -31.70 10.50
C ILE B 157 3.00 -33.13 10.94
N ASP B 158 2.08 -34.06 10.65
CA ASP B 158 2.32 -35.45 11.02
C ASP B 158 3.50 -36.04 10.25
N TYR B 159 3.62 -35.74 8.96
CA TYR B 159 4.76 -36.20 8.18
C TYR B 159 6.07 -35.71 8.78
N CYS B 160 6.13 -34.43 9.12
CA CYS B 160 7.37 -33.88 9.67
C CYS B 160 7.68 -34.47 11.04
N LYS B 161 6.66 -34.68 11.87
CA LYS B 161 6.91 -35.27 13.19
C LYS B 161 7.31 -36.73 13.09
N SER B 162 6.87 -37.43 12.05
CA SER B 162 7.19 -38.86 11.93
C SER B 162 8.55 -39.09 11.29
N ASN B 163 8.88 -38.34 10.23
CA ASN B 163 10.09 -38.61 9.46
C ASN B 163 11.24 -37.69 9.80
N TYR B 164 10.99 -36.62 10.57
CA TYR B 164 12.03 -35.70 11.00
C TYR B 164 11.76 -35.30 12.45
N GLU B 165 11.80 -36.31 13.32
CA GLU B 165 11.54 -36.12 14.75
C GLU B 165 12.50 -35.09 15.32
N ALA B 166 12.01 -34.28 16.27
CA ALA B 166 12.84 -33.24 16.86
C ALA B 166 12.35 -32.95 18.27
N ASP B 167 13.23 -32.32 19.05
CA ASP B 167 12.85 -31.88 20.38
C ASP B 167 12.10 -30.56 20.34
N LYS B 168 12.30 -29.78 19.28
CA LYS B 168 11.62 -28.51 19.10
C LYS B 168 11.05 -28.44 17.69
N TYR B 169 9.80 -27.99 17.60
CA TYR B 169 9.09 -27.89 16.33
C TYR B 169 8.71 -26.44 16.08
N VAL B 170 9.05 -25.95 14.89
CA VAL B 170 8.68 -24.62 14.43
C VAL B 170 7.79 -24.78 13.21
N LEU B 171 6.72 -23.99 13.15
CA LEU B 171 5.78 -24.05 12.05
C LEU B 171 5.65 -22.66 11.46
N ILE B 172 6.17 -22.47 10.25
CA ILE B 172 6.07 -21.20 9.54
C ILE B 172 5.00 -21.35 8.47
N MET B 173 3.87 -20.67 8.65
CA MET B 173 2.79 -20.70 7.67
C MET B 173 2.86 -19.43 6.84
N ALA B 174 3.07 -19.57 5.52
CA ALA B 174 3.36 -18.43 4.66
C ALA B 174 2.31 -18.34 3.56
N ASN B 175 1.66 -17.17 3.49
CA ASN B 175 0.62 -16.82 2.51
C ASN B 175 0.08 -15.43 2.83
N HIS B 176 -1.16 -15.15 2.45
CA HIS B 176 -1.88 -13.97 2.90
C HIS B 176 -2.49 -14.23 4.27
N GLY B 177 -2.99 -13.17 4.90
CA GLY B 177 -3.64 -13.29 6.18
C GLY B 177 -4.67 -12.21 6.37
N GLY B 178 -5.71 -12.53 7.15
CA GLY B 178 -6.78 -11.59 7.38
C GLY B 178 -7.44 -11.69 8.74
N GLY B 179 -6.66 -11.68 9.80
CA GLY B 179 -7.22 -11.66 11.14
C GLY B 179 -7.79 -12.98 11.59
N ALA B 180 -8.89 -12.93 12.35
CA ALA B 180 -9.49 -14.13 12.92
C ALA B 180 -10.63 -14.70 12.08
N ARG B 181 -11.02 -14.05 11.00
CA ARG B 181 -12.03 -14.65 10.12
C ARG B 181 -11.47 -15.86 9.40
N ALA B 191 -8.48 -14.95 8.72
CA ALA B 191 -8.12 -16.22 8.10
C ALA B 191 -6.68 -16.18 7.60
N ILE B 192 -6.27 -17.24 6.91
CA ILE B 192 -4.89 -17.35 6.43
C ILE B 192 -4.86 -18.42 5.34
N CYS B 193 -3.88 -18.31 4.45
CA CYS B 193 -3.62 -19.29 3.39
C CYS B 193 -4.77 -19.42 2.41
N TRP B 194 -4.81 -18.53 1.43
CA TRP B 194 -5.77 -18.61 0.34
C TRP B 194 -5.18 -19.42 -0.81
N ASP B 195 -5.94 -20.38 -1.33
CA ASP B 195 -5.49 -21.24 -2.41
C ASP B 195 -6.37 -20.99 -3.63
N ASP B 196 -5.73 -20.65 -4.76
CA ASP B 196 -6.46 -20.33 -5.99
C ASP B 196 -6.91 -21.56 -6.76
N SER B 197 -6.42 -22.75 -6.42
CA SER B 197 -6.80 -23.94 -7.15
C SER B 197 -8.12 -24.54 -6.68
N ASN B 198 -8.60 -24.13 -5.50
CA ASN B 198 -9.86 -24.65 -4.98
C ASN B 198 -10.78 -23.52 -4.53
N GLU B 204 -14.94 -18.38 -4.70
CA GLU B 204 -13.76 -17.69 -4.22
C GLU B 204 -12.65 -18.67 -3.83
N ALA B 205 -11.47 -18.15 -3.55
CA ALA B 205 -10.36 -19.00 -3.12
C ALA B 205 -10.60 -19.53 -1.72
N ASP B 206 -10.40 -20.83 -1.54
CA ASP B 206 -10.56 -21.43 -0.22
C ASP B 206 -9.43 -21.00 0.71
N CYS B 207 -9.75 -20.87 1.99
CA CYS B 207 -8.78 -20.39 2.97
C CYS B 207 -8.92 -21.17 4.28
N LEU B 208 -7.88 -21.06 5.10
CA LEU B 208 -7.85 -21.66 6.43
C LEU B 208 -8.43 -20.66 7.43
N TYR B 209 -9.54 -21.02 8.07
CA TYR B 209 -10.08 -20.23 9.15
C TYR B 209 -9.49 -20.70 10.47
N MET B 210 -9.28 -19.75 11.39
CA MET B 210 -8.61 -20.08 12.65
C MET B 210 -9.38 -21.13 13.44
N GLY B 211 -10.69 -20.91 13.62
CA GLY B 211 -11.53 -21.92 14.26
C GLY B 211 -11.54 -23.24 13.51
N GLU B 212 -11.41 -23.19 12.18
CA GLU B 212 -11.33 -24.42 11.40
C GLU B 212 -10.06 -25.19 11.73
N ILE B 213 -8.93 -24.50 11.83
CA ILE B 213 -7.68 -25.13 12.23
C ILE B 213 -7.83 -25.76 13.62
N SER B 214 -8.50 -25.05 14.54
CA SER B 214 -8.70 -25.63 15.86
C SER B 214 -9.61 -26.86 15.81
N ASP B 215 -10.59 -26.87 14.91
CA ASP B 215 -11.52 -27.99 14.82
C ASP B 215 -10.86 -29.23 14.24
N HIS B 216 -9.99 -29.07 13.25
CA HIS B 216 -9.41 -30.23 12.58
C HIS B 216 -8.09 -30.70 13.20
N LEU B 217 -7.30 -29.79 13.76
CA LEU B 217 -6.03 -30.19 14.35
C LEU B 217 -6.18 -30.48 15.83
N THR B 218 -5.38 -31.41 16.33
CA THR B 218 -5.43 -31.87 17.70
C THR B 218 -4.12 -31.51 18.41
N GLU B 219 -4.02 -31.95 19.67
CA GLU B 219 -2.80 -31.71 20.44
C GLU B 219 -1.60 -32.44 19.86
N LYS B 220 -1.84 -33.50 19.07
CA LYS B 220 -0.74 -34.24 18.48
C LYS B 220 0.07 -33.40 17.51
N GLN B 221 -0.52 -32.34 16.95
CA GLN B 221 0.17 -31.48 15.99
C GLN B 221 0.69 -30.20 16.61
N SER B 222 0.71 -30.10 17.94
CA SER B 222 1.18 -28.89 18.60
C SER B 222 2.64 -28.63 18.26
N VAL B 223 3.02 -27.34 18.28
CA VAL B 223 4.34 -26.90 17.89
C VAL B 223 4.95 -26.08 19.01
N ASP B 224 6.27 -25.95 18.97
CA ASP B 224 6.95 -25.09 19.94
C ASP B 224 6.88 -23.63 19.56
N LEU B 225 7.06 -23.31 18.28
CA LEU B 225 6.93 -21.93 17.82
C LEU B 225 6.08 -21.88 16.56
N LEU B 226 5.24 -20.84 16.44
CA LEU B 226 4.37 -20.66 15.29
C LEU B 226 4.64 -19.29 14.69
N ALA B 227 5.19 -19.26 13.49
CA ALA B 227 5.45 -18.02 12.77
C ALA B 227 4.43 -17.86 11.65
N PHE B 228 3.78 -16.69 11.61
CA PHE B 228 2.78 -16.36 10.60
C PHE B 228 3.41 -15.41 9.59
N ASP B 229 3.91 -15.94 8.48
CA ASP B 229 4.41 -15.09 7.39
C ASP B 229 3.20 -14.67 6.55
N ALA B 230 2.33 -13.87 7.17
CA ALA B 230 1.10 -13.43 6.55
C ALA B 230 0.66 -12.13 7.21
N CYS B 231 -0.32 -11.48 6.61
CA CYS B 231 -0.76 -10.17 7.06
C CYS B 231 -1.78 -10.28 8.19
N LEU B 232 -1.77 -9.26 9.05
CA LEU B 232 -2.85 -9.03 10.02
C LEU B 232 -3.10 -10.24 10.91
N MET B 233 -2.03 -10.85 11.40
CA MET B 233 -2.16 -12.07 12.17
C MET B 233 -1.86 -11.90 13.66
N GLY B 234 -1.37 -10.75 14.07
CA GLY B 234 -1.04 -10.53 15.47
C GLY B 234 -2.18 -9.97 16.30
N THR B 235 -3.29 -10.69 16.39
CA THR B 235 -4.43 -10.29 17.19
C THR B 235 -4.50 -11.11 18.47
N ALA B 236 -5.17 -10.53 19.48
CA ALA B 236 -5.36 -11.23 20.74
C ALA B 236 -6.23 -12.47 20.56
N GLU B 237 -7.22 -12.40 19.67
CA GLU B 237 -8.04 -13.58 19.39
C GLU B 237 -7.20 -14.70 18.78
N VAL B 238 -6.32 -14.36 17.84
CA VAL B 238 -5.46 -15.36 17.21
C VAL B 238 -4.53 -15.97 18.25
N ALA B 239 -3.97 -15.15 19.13
CA ALA B 239 -3.04 -15.64 20.13
C ALA B 239 -3.74 -16.53 21.16
N TYR B 240 -4.97 -16.16 21.54
CA TYR B 240 -5.73 -16.98 22.47
C TYR B 240 -6.19 -18.28 21.84
N GLN B 241 -6.44 -18.27 20.53
CA GLN B 241 -6.96 -19.47 19.85
C GLN B 241 -5.99 -20.64 19.99
N TYR B 242 -4.68 -20.37 19.91
CA TYR B 242 -3.67 -21.42 19.87
C TYR B 242 -2.79 -21.43 21.13
N ARG B 243 -3.32 -20.96 22.25
CA ARG B 243 -2.56 -20.95 23.49
C ARG B 243 -2.35 -22.38 24.00
N PRO B 244 -1.24 -22.65 24.68
CA PRO B 244 -1.03 -23.98 25.26
C PRO B 244 -2.06 -24.26 26.35
N GLY B 245 -2.59 -25.48 26.34
CA GLY B 245 -3.58 -25.89 27.30
C GLY B 245 -5.01 -25.66 26.90
N ASN B 246 -5.27 -25.33 25.63
CA ASN B 246 -6.65 -25.17 25.18
C ASN B 246 -7.32 -26.50 24.89
N GLY B 247 -6.58 -27.61 24.95
CA GLY B 247 -7.14 -28.93 24.75
C GLY B 247 -6.83 -29.54 23.40
N GLY B 248 -6.44 -28.73 22.41
CA GLY B 248 -6.13 -29.22 21.08
C GLY B 248 -4.81 -28.65 20.59
N PHE B 249 -4.78 -28.34 19.30
CA PHE B 249 -3.57 -27.79 18.68
C PHE B 249 -3.21 -26.47 19.33
N SER B 250 -1.91 -26.30 19.60
CA SER B 250 -1.45 -25.10 20.29
C SER B 250 -0.01 -24.82 19.90
N ALA B 251 0.44 -23.61 20.23
CA ALA B 251 1.81 -23.19 20.05
C ALA B 251 2.28 -22.51 21.33
N ASP B 252 3.48 -22.85 21.79
CA ASP B 252 3.98 -22.23 23.01
C ASP B 252 4.30 -20.75 22.79
N THR B 253 4.75 -20.39 21.59
CA THR B 253 5.14 -19.02 21.28
C THR B 253 4.71 -18.68 19.86
N LEU B 254 4.49 -17.39 19.61
CA LEU B 254 3.96 -16.92 18.34
C LEU B 254 4.78 -15.76 17.80
N VAL B 255 5.04 -15.78 16.49
CA VAL B 255 5.68 -14.68 15.78
C VAL B 255 4.67 -14.18 14.76
N ALA B 256 4.31 -12.89 14.83
CA ALA B 256 3.23 -12.42 13.98
C ALA B 256 3.30 -10.91 13.81
N SER B 257 2.67 -10.43 12.75
CA SER B 257 2.56 -9.00 12.46
C SER B 257 1.12 -8.55 12.63
N SER B 258 0.92 -7.44 13.34
CA SER B 258 -0.43 -6.90 13.50
C SER B 258 -0.95 -6.24 12.22
N PRO B 259 -0.18 -5.40 11.51
CA PRO B 259 -0.69 -4.87 10.25
C PRO B 259 -0.31 -5.74 9.06
N VAL B 260 -0.43 -5.18 7.86
CA VAL B 260 -0.04 -5.91 6.65
C VAL B 260 1.47 -6.04 6.60
N VAL B 261 1.94 -7.15 6.05
CA VAL B 261 3.36 -7.39 5.81
C VAL B 261 3.69 -6.97 4.39
N TRP B 262 4.87 -6.38 4.20
CA TRP B 262 5.26 -5.91 2.88
C TRP B 262 5.59 -7.09 1.96
N GLY B 263 5.90 -6.78 0.71
CA GLY B 263 6.18 -7.75 -0.32
C GLY B 263 7.26 -8.76 0.01
N PRO B 264 8.45 -8.30 0.40
CA PRO B 264 9.54 -9.25 0.69
C PRO B 264 9.23 -10.25 1.79
N GLY B 265 8.34 -9.91 2.72
CA GLY B 265 8.07 -10.83 3.82
C GLY B 265 9.21 -10.84 4.82
N PHE B 266 9.60 -12.04 5.25
CA PHE B 266 10.68 -12.20 6.21
C PHE B 266 12.01 -12.38 5.48
N LYS B 267 13.08 -11.90 6.12
CA LYS B 267 14.42 -12.01 5.55
C LYS B 267 15.04 -13.33 6.03
N TYR B 268 14.61 -14.42 5.39
CA TYR B 268 14.96 -15.75 5.87
C TYR B 268 16.45 -16.03 5.80
N ASP B 269 17.16 -15.42 4.84
CA ASP B 269 18.58 -15.68 4.69
C ASP B 269 19.35 -15.26 5.94
N LYS B 270 19.07 -14.06 6.47
CA LYS B 270 19.75 -13.61 7.67
C LYS B 270 19.35 -14.43 8.89
N ILE B 271 18.06 -14.73 9.02
CA ILE B 271 17.57 -15.54 10.13
C ILE B 271 18.33 -16.86 10.18
N PHE B 272 18.34 -17.59 9.06
CA PHE B 272 19.01 -18.89 9.04
C PHE B 272 20.52 -18.77 9.07
N ASP B 273 21.07 -17.62 8.66
CA ASP B 273 22.50 -17.40 8.80
C ASP B 273 22.91 -17.16 10.24
N ARG B 274 21.97 -16.80 11.12
CA ARG B 274 22.29 -16.72 12.54
C ARG B 274 22.00 -18.01 13.30
N ILE B 275 21.38 -19.00 12.68
CA ILE B 275 21.11 -20.28 13.35
C ILE B 275 22.30 -21.20 13.02
N LYS B 276 23.36 -21.05 13.80
CA LYS B 276 24.62 -21.72 13.52
C LYS B 276 25.32 -22.06 14.83
N ALA B 277 26.09 -23.14 14.80
CA ALA B 277 26.92 -23.50 15.93
C ALA B 277 28.18 -22.63 15.93
N GLY B 278 29.02 -22.82 16.94
CA GLY B 278 30.28 -22.13 17.03
C GLY B 278 30.25 -20.78 17.72
N GLY B 279 29.06 -20.28 18.07
CA GLY B 279 29.00 -18.99 18.70
C GLY B 279 29.41 -17.87 17.75
N GLY B 280 30.02 -16.83 18.32
CA GLY B 280 30.47 -15.72 17.54
C GLY B 280 29.37 -14.71 17.28
N THR B 281 29.75 -13.63 16.59
CA THR B 281 28.85 -12.52 16.31
C THR B 281 29.24 -11.87 14.99
N ASN B 282 28.34 -11.06 14.47
CA ASN B 282 28.67 -10.10 13.43
C ASN B 282 28.86 -8.73 14.10
N ASN B 283 29.13 -7.72 13.28
CA ASN B 283 29.34 -6.38 13.81
C ASN B 283 28.04 -5.61 14.01
N GLU B 284 26.90 -6.20 13.64
CA GLU B 284 25.63 -5.50 13.71
C GLU B 284 25.11 -5.45 15.13
N ASP B 285 24.51 -4.32 15.49
CA ASP B 285 23.94 -4.14 16.82
C ASP B 285 22.56 -4.80 16.90
N ASP B 286 22.29 -5.42 18.05
CA ASP B 286 21.01 -6.06 18.31
C ASP B 286 20.15 -5.08 19.12
N LEU B 287 19.09 -4.58 18.50
CA LEU B 287 18.21 -3.62 19.16
C LEU B 287 17.11 -4.27 19.99
N THR B 288 16.89 -5.57 19.85
CA THR B 288 15.91 -6.25 20.69
C THR B 288 16.57 -6.86 21.93
N LEU B 289 17.69 -7.55 21.75
CA LEU B 289 18.37 -8.25 22.83
C LEU B 289 19.50 -7.44 23.47
N GLY B 290 19.97 -6.39 22.81
CA GLY B 290 21.09 -5.63 23.33
C GLY B 290 22.42 -6.28 22.99
N GLY B 291 23.43 -5.46 22.72
CA GLY B 291 24.72 -5.96 22.32
C GLY B 291 24.80 -6.23 20.83
N LYS B 292 25.71 -7.12 20.48
CA LYS B 292 25.91 -7.51 19.09
C LYS B 292 25.03 -8.71 18.75
N GLU B 293 24.64 -8.79 17.49
CA GLU B 293 23.81 -9.91 17.04
C GLU B 293 24.58 -11.22 17.22
N GLN B 294 24.00 -12.14 17.97
CA GLN B 294 24.63 -13.41 18.28
C GLN B 294 24.17 -14.49 17.31
N ASN B 295 24.98 -15.54 17.20
CA ASN B 295 24.59 -16.76 16.52
C ASN B 295 24.10 -17.76 17.56
N PHE B 296 23.03 -18.47 17.24
CA PHE B 296 22.41 -19.40 18.17
C PHE B 296 22.55 -20.82 17.63
N ASP B 297 23.23 -21.67 18.41
CA ASP B 297 23.44 -23.06 18.03
C ASP B 297 22.09 -23.77 17.92
N PRO B 298 21.80 -24.43 16.80
CA PRO B 298 20.54 -25.21 16.72
C PRO B 298 20.40 -26.24 17.80
N ALA B 299 21.51 -26.67 18.43
CA ALA B 299 21.45 -27.66 19.48
C ALA B 299 20.95 -27.11 20.80
N THR B 300 20.98 -25.79 20.99
CA THR B 300 20.61 -25.18 22.26
C THR B 300 19.66 -23.99 22.11
N ILE B 301 19.20 -23.69 20.90
CA ILE B 301 18.39 -22.48 20.69
C ILE B 301 17.04 -22.64 21.36
N THR B 302 16.54 -21.57 21.96
CA THR B 302 15.28 -21.56 22.67
C THR B 302 14.22 -20.81 21.87
N ASN B 303 12.98 -20.89 22.36
CA ASN B 303 11.88 -20.18 21.70
C ASN B 303 12.14 -18.68 21.69
N GLU B 304 12.59 -18.13 22.81
CA GLU B 304 12.79 -16.69 22.92
C GLU B 304 13.88 -16.21 21.97
N GLN B 305 14.94 -17.00 21.81
CA GLN B 305 16.02 -16.61 20.92
C GLN B 305 15.59 -16.66 19.47
N LEU B 306 14.80 -17.67 19.10
CA LEU B 306 14.29 -17.75 17.73
C LEU B 306 13.32 -16.61 17.44
N GLY B 307 12.48 -16.26 18.40
CA GLY B 307 11.59 -15.13 18.21
C GLY B 307 12.33 -13.81 18.11
N ALA B 308 13.35 -13.62 18.94
CA ALA B 308 14.19 -12.43 18.83
C ALA B 308 14.89 -12.38 17.49
N LEU B 309 15.29 -13.54 16.98
CA LEU B 309 15.88 -13.61 15.64
C LEU B 309 14.90 -13.09 14.59
N PHE B 310 13.69 -13.64 14.57
CA PHE B 310 12.67 -13.18 13.64
C PHE B 310 12.46 -11.67 13.75
N VAL B 311 12.23 -11.19 14.98
CA VAL B 311 11.88 -9.78 15.18
C VAL B 311 13.03 -8.87 14.74
N GLU B 312 14.26 -9.19 15.16
CA GLU B 312 15.39 -8.32 14.85
C GLU B 312 15.71 -8.31 13.36
N GLU B 313 15.66 -9.46 12.71
CA GLU B 313 15.95 -9.47 11.28
C GLU B 313 14.87 -8.76 10.49
N GLN B 314 13.60 -8.90 10.89
CA GLN B 314 12.54 -8.15 10.22
C GLN B 314 12.72 -6.66 10.43
N ARG B 315 13.06 -6.25 11.66
CA ARG B 315 13.31 -4.83 11.93
C ARG B 315 14.41 -4.29 11.04
N ASP B 316 15.55 -5.00 10.99
CA ASP B 316 16.68 -4.53 10.20
C ASP B 316 16.32 -4.44 8.71
N SER B 317 15.70 -5.49 8.17
CA SER B 317 15.37 -5.51 6.75
C SER B 317 14.38 -4.40 6.39
N THR B 318 13.34 -4.22 7.20
CA THR B 318 12.32 -3.23 6.86
C THR B 318 12.83 -1.81 7.04
N HIS B 319 13.49 -1.52 8.16
CA HIS B 319 13.98 -0.17 8.39
C HIS B 319 15.15 0.18 7.48
N ALA B 320 15.88 -0.81 6.96
CA ALA B 320 16.94 -0.53 6.00
C ALA B 320 16.39 0.08 4.72
N ASN B 321 15.17 -0.31 4.32
CA ASN B 321 14.54 0.21 3.12
C ASN B 321 13.54 1.30 3.42
N GLY B 322 13.63 1.92 4.60
CA GLY B 322 12.74 3.02 4.94
C GLY B 322 11.28 2.66 5.00
N ARG B 323 10.97 1.46 5.47
CA ARG B 323 9.59 0.98 5.60
C ARG B 323 9.27 0.92 7.09
N TYR B 324 8.99 2.08 7.67
CA TYR B 324 8.73 2.20 9.09
C TYR B 324 7.27 1.92 9.46
N ASP B 325 6.45 1.52 8.49
CA ASP B 325 5.09 1.06 8.80
C ASP B 325 5.06 -0.40 9.21
N GLN B 326 6.16 -1.13 9.06
CA GLN B 326 6.17 -2.56 9.30
C GLN B 326 6.26 -2.87 10.79
N HIS B 327 5.66 -3.99 11.17
CA HIS B 327 5.61 -4.42 12.56
C HIS B 327 5.87 -5.93 12.63
N LEU B 328 6.36 -6.36 13.79
CA LEU B 328 6.47 -7.78 14.08
C LEU B 328 6.60 -7.94 15.59
N SER B 329 6.00 -9.00 16.12
CA SER B 329 5.94 -9.22 17.56
C SER B 329 6.13 -10.69 17.86
N PHE B 330 6.70 -10.95 19.03
CA PHE B 330 6.90 -12.29 19.58
C PHE B 330 6.11 -12.38 20.88
N TYR B 331 5.20 -13.36 20.95
CA TYR B 331 4.31 -13.52 22.08
C TYR B 331 4.59 -14.84 22.77
N ASP B 332 4.60 -14.81 24.11
CA ASP B 332 4.56 -16.00 24.94
C ASP B 332 3.08 -16.37 25.09
N LEU B 333 2.65 -17.42 24.39
CA LEU B 333 1.23 -17.74 24.36
C LEU B 333 0.72 -18.27 25.69
N LYS B 334 1.61 -18.69 26.59
CA LYS B 334 1.19 -19.09 27.92
C LYS B 334 0.69 -17.92 28.74
N LYS B 335 0.89 -16.69 28.27
CA LYS B 335 0.28 -15.51 28.88
C LYS B 335 -1.00 -15.09 28.18
N ALA B 336 -1.30 -15.67 27.02
CA ALA B 336 -2.43 -15.22 26.20
C ALA B 336 -3.73 -15.23 27.01
N GLU B 337 -4.04 -16.36 27.63
CA GLU B 337 -5.23 -16.44 28.47
C GLU B 337 -5.22 -15.35 29.54
N SER B 338 -4.08 -15.14 30.20
CA SER B 338 -4.00 -14.11 31.23
C SER B 338 -4.41 -12.75 30.69
N VAL B 339 -4.08 -12.48 29.42
CA VAL B 339 -4.53 -11.24 28.80
C VAL B 339 -6.03 -11.28 28.57
N LYS B 340 -6.51 -12.36 27.95
CA LYS B 340 -7.92 -12.47 27.59
C LYS B 340 -8.82 -12.20 28.79
N ARG B 341 -8.65 -13.01 29.85
CA ARG B 341 -9.42 -12.80 31.08
C ARG B 341 -9.38 -11.35 31.52
N ALA B 342 -8.18 -10.75 31.54
CA ALA B 342 -8.06 -9.35 31.93
C ALA B 342 -8.98 -8.48 31.07
N ILE B 343 -8.84 -8.58 29.75
CA ILE B 343 -9.70 -7.82 28.85
C ILE B 343 -11.17 -8.06 29.21
N ASP B 344 -11.52 -9.33 29.46
CA ASP B 344 -12.91 -9.66 29.78
C ASP B 344 -13.41 -8.85 30.96
N ASN B 345 -12.61 -8.78 32.04
CA ASN B 345 -13.00 -7.96 33.18
C ASN B 345 -13.33 -6.55 32.73
N LEU B 346 -12.40 -5.92 32.02
CA LEU B 346 -12.65 -4.58 31.49
C LEU B 346 -13.97 -4.54 30.74
N ALA B 347 -14.17 -5.50 29.85
CA ALA B 347 -15.41 -5.54 29.07
C ALA B 347 -16.62 -5.51 29.98
N VAL B 348 -16.63 -6.37 31.01
CA VAL B 348 -17.74 -6.40 31.95
C VAL B 348 -17.95 -5.02 32.54
N ASN B 349 -16.86 -4.40 33.03
CA ASN B 349 -16.98 -3.06 33.59
C ASN B 349 -17.50 -2.09 32.54
N LEU B 350 -16.98 -2.16 31.31
CA LEU B 350 -17.45 -1.26 30.26
C LEU B 350 -18.92 -1.45 29.99
N SER B 351 -19.44 -2.66 30.23
CA SER B 351 -20.87 -2.87 30.08
C SER B 351 -21.64 -2.29 31.25
N ASN B 352 -21.12 -2.44 32.47
CA ASN B 352 -21.86 -2.03 33.65
C ASN B 352 -21.90 -0.51 33.81
N GLU B 353 -20.93 0.20 33.23
CA GLU B 353 -20.86 1.66 33.36
C GLU B 353 -21.34 2.37 32.10
N ASN B 354 -21.86 1.64 31.11
CA ASN B 354 -22.44 2.20 29.90
C ASN B 354 -21.48 3.18 29.22
N LYS B 355 -20.34 2.64 28.77
CA LYS B 355 -19.25 3.45 28.25
C LYS B 355 -19.11 3.35 26.74
N LYS B 356 -20.17 2.96 26.04
CA LYS B 356 -20.09 2.79 24.59
C LYS B 356 -19.69 4.10 23.91
N SER B 357 -20.24 5.23 24.35
CA SER B 357 -19.93 6.50 23.72
C SER B 357 -18.46 6.87 23.90
N GLU B 358 -17.91 6.62 25.09
CA GLU B 358 -16.51 6.98 25.34
C GLU B 358 -15.56 6.07 24.56
N ILE B 359 -15.86 4.77 24.50
CA ILE B 359 -15.02 3.87 23.73
C ILE B 359 -15.10 4.21 22.24
N GLU B 360 -16.29 4.54 21.76
CA GLU B 360 -16.42 4.94 20.36
C GLU B 360 -15.69 6.25 20.09
N LYS B 361 -15.65 7.15 21.07
CA LYS B 361 -14.88 8.38 20.94
C LYS B 361 -13.38 8.09 20.88
N LEU B 362 -12.92 7.08 21.61
CA LEU B 362 -11.51 6.70 21.55
C LEU B 362 -11.18 6.01 20.23
N ARG B 363 -12.08 5.17 19.73
CA ARG B 363 -11.82 4.44 18.50
C ARG B 363 -11.84 5.36 17.29
N GLY B 364 -12.79 6.27 17.24
CA GLY B 364 -12.95 7.13 16.10
C GLY B 364 -13.82 6.51 15.02
N SER B 365 -13.78 7.14 13.85
CA SER B 365 -14.61 6.69 12.74
C SER B 365 -14.03 7.23 11.43
N GLY B 366 -14.22 6.47 10.36
CA GLY B 366 -13.75 6.91 9.06
C GLY B 366 -12.26 7.14 9.07
N ILE B 367 -11.83 8.33 8.65
CA ILE B 367 -10.42 8.69 8.64
C ILE B 367 -9.98 9.42 9.90
N HIS B 368 -10.91 9.67 10.83
CA HIS B 368 -10.60 10.38 12.08
C HIS B 368 -10.58 9.36 13.21
N THR B 369 -9.41 8.77 13.45
CA THR B 369 -9.16 7.89 14.58
C THR B 369 -7.86 8.32 15.22
N ASP B 370 -7.83 8.32 16.55
CA ASP B 370 -6.61 8.64 17.28
C ASP B 370 -5.98 7.42 17.94
N LEU B 371 -6.70 6.29 18.00
CA LEU B 371 -6.12 5.06 18.52
C LEU B 371 -5.11 4.48 17.53
N MET B 372 -4.08 3.83 18.08
CA MET B 372 -3.09 3.15 17.26
C MET B 372 -3.71 1.92 16.62
N HIS B 373 -3.70 1.87 15.29
CA HIS B 373 -4.42 0.84 14.55
C HIS B 373 -3.50 0.23 13.49
N TYR B 374 -3.99 -0.83 12.86
CA TYR B 374 -3.19 -1.62 11.92
C TYR B 374 -3.93 -1.86 10.62
N PHE B 375 -4.77 -0.90 10.20
CA PHE B 375 -5.47 -1.00 8.93
C PHE B 375 -5.49 0.37 8.28
N ASP B 376 -5.80 0.39 6.98
CA ASP B 376 -5.90 1.63 6.23
C ASP B 376 -7.26 2.26 6.51
N GLU B 377 -7.28 3.25 7.40
CA GLU B 377 -8.53 3.88 7.81
C GLU B 377 -9.20 4.68 6.69
N TYR B 378 -8.51 4.94 5.58
CA TYR B 378 -9.12 5.60 4.44
C TYR B 378 -9.98 4.68 3.61
N SER B 379 -9.95 3.37 3.87
CA SER B 379 -10.76 2.38 3.17
C SER B 379 -11.83 1.87 4.12
N GLU B 380 -13.08 2.19 3.82
CA GLU B 380 -14.18 1.64 4.61
C GLU B 380 -14.26 0.11 4.47
N GLY B 381 -13.81 -0.43 3.33
CA GLY B 381 -13.71 -1.88 3.23
C GLY B 381 -12.82 -2.48 4.29
N GLU B 382 -11.67 -1.83 4.56
CA GLU B 382 -10.80 -2.30 5.63
C GLU B 382 -11.40 -2.03 7.00
N TRP B 383 -12.18 -0.95 7.14
CA TRP B 383 -12.92 -0.72 8.37
C TRP B 383 -13.87 -1.87 8.66
N VAL B 384 -14.50 -2.42 7.62
CA VAL B 384 -15.44 -3.51 7.80
C VAL B 384 -14.71 -4.83 8.05
N GLU B 385 -13.62 -5.07 7.31
CA GLU B 385 -12.96 -6.38 7.33
C GLU B 385 -11.89 -6.49 8.42
N TYR B 386 -11.05 -5.48 8.60
CA TYR B 386 -9.92 -5.57 9.54
C TYR B 386 -9.84 -4.36 10.46
N PRO B 387 -10.89 -4.08 11.25
CA PRO B 387 -10.78 -2.94 12.18
C PRO B 387 -10.02 -3.31 13.45
N TYR B 388 -8.72 -3.56 13.31
CA TYR B 388 -7.90 -4.02 14.41
C TYR B 388 -7.12 -2.86 15.01
N PHE B 389 -7.25 -2.68 16.32
CA PHE B 389 -6.59 -1.60 17.05
C PHE B 389 -5.63 -2.17 18.07
N ASP B 390 -4.63 -1.38 18.44
CA ASP B 390 -3.66 -1.84 19.43
C ASP B 390 -4.31 -1.96 20.81
N VAL B 391 -4.14 -3.11 21.44
CA VAL B 391 -4.79 -3.34 22.73
C VAL B 391 -4.14 -2.49 23.81
N TYR B 392 -2.81 -2.45 23.83
CA TYR B 392 -2.12 -1.68 24.85
C TYR B 392 -2.45 -0.19 24.72
N ASP B 393 -2.56 0.31 23.49
CA ASP B 393 -2.91 1.72 23.31
C ASP B 393 -4.32 1.99 23.79
N LEU B 394 -5.26 1.08 23.49
CA LEU B 394 -6.63 1.24 23.97
C LEU B 394 -6.66 1.30 25.49
N CYS B 395 -5.98 0.36 26.15
CA CYS B 395 -5.98 0.34 27.60
C CYS B 395 -5.27 1.56 28.18
N GLU B 396 -4.22 2.05 27.52
CA GLU B 396 -3.52 3.23 28.00
C GLU B 396 -4.40 4.47 27.90
N LYS B 397 -5.09 4.64 26.78
CA LYS B 397 -5.99 5.79 26.64
C LYS B 397 -7.17 5.70 27.59
N ILE B 398 -7.67 4.49 27.86
CA ILE B 398 -8.69 4.33 28.88
C ILE B 398 -8.15 4.75 30.25
N ASN B 399 -6.95 4.26 30.59
CA ASN B 399 -6.35 4.52 31.89
C ASN B 399 -6.01 5.99 32.08
N LYS B 400 -5.80 6.74 31.01
CA LYS B 400 -5.42 8.15 31.12
C LYS B 400 -6.55 9.12 30.81
N SER B 401 -7.66 8.65 30.25
CA SER B 401 -8.77 9.55 29.95
C SER B 401 -9.56 9.90 31.20
N GLU B 402 -10.14 11.11 31.19
CA GLU B 402 -10.97 11.59 32.28
C GLU B 402 -12.45 11.30 32.05
N ASN B 403 -12.77 10.48 31.05
CA ASN B 403 -14.14 10.05 30.80
C ASN B 403 -14.40 8.66 31.36
N PHE B 404 -13.54 8.17 32.25
CA PHE B 404 -13.65 6.84 32.83
C PHE B 404 -13.43 6.93 34.34
N SER B 405 -14.10 6.03 35.06
CA SER B 405 -13.99 5.98 36.51
C SER B 405 -12.65 5.39 36.92
N SER B 406 -12.41 5.37 38.23
CA SER B 406 -11.18 4.79 38.75
C SER B 406 -11.14 3.27 38.53
N LYS B 407 -12.29 2.61 38.63
CA LYS B 407 -12.34 1.17 38.45
C LYS B 407 -11.94 0.78 37.03
N THR B 408 -12.49 1.49 36.04
CA THR B 408 -12.12 1.22 34.65
C THR B 408 -10.63 1.46 34.42
N LYS B 409 -10.09 2.53 35.00
CA LYS B 409 -8.67 2.81 34.86
C LYS B 409 -7.82 1.68 35.47
N ASP B 410 -8.22 1.17 36.63
CA ASP B 410 -7.44 0.12 37.28
C ASP B 410 -7.50 -1.19 36.50
N LEU B 411 -8.69 -1.55 36.00
CA LEU B 411 -8.80 -2.75 35.17
C LEU B 411 -7.98 -2.60 33.89
N ALA B 412 -7.99 -1.41 33.28
CA ALA B 412 -7.17 -1.18 32.10
C ALA B 412 -5.68 -1.31 32.43
N SER B 413 -5.27 -0.83 33.61
CA SER B 413 -3.88 -0.96 34.00
C SER B 413 -3.49 -2.42 34.20
N ASN B 414 -4.37 -3.22 34.79
CA ASN B 414 -4.10 -4.65 34.92
C ASN B 414 -3.98 -5.32 33.55
N ALA B 415 -4.87 -4.97 32.62
CA ALA B 415 -4.76 -5.48 31.26
C ALA B 415 -3.41 -5.10 30.65
N MET B 416 -2.96 -3.86 30.89
CA MET B 416 -1.65 -3.44 30.38
C MET B 416 -0.54 -4.29 30.97
N ASN B 417 -0.63 -4.61 32.27
CA ASN B 417 0.38 -5.45 32.89
C ASN B 417 0.43 -6.83 32.25
N LYS B 418 -0.74 -7.44 32.05
CA LYS B 418 -0.79 -8.75 31.41
C LYS B 418 -0.24 -8.69 29.98
N LEU B 419 -0.55 -7.62 29.26
CA LEU B 419 -0.04 -7.46 27.89
C LEU B 419 1.47 -7.34 27.88
N ASN B 420 2.03 -6.53 28.78
CA ASN B 420 3.48 -6.40 28.87
C ASN B 420 4.11 -7.76 29.18
N GLU B 421 3.47 -8.55 30.04
CA GLU B 421 3.97 -9.88 30.34
C GLU B 421 3.91 -10.80 29.13
N MET B 422 2.90 -10.62 28.27
CA MET B 422 2.70 -11.51 27.14
C MET B 422 3.64 -11.17 25.98
N ILE B 423 3.72 -9.90 25.61
CA ILE B 423 4.47 -9.45 24.44
C ILE B 423 5.94 -9.37 24.82
N VAL B 424 6.74 -10.35 24.39
CA VAL B 424 8.15 -10.38 24.78
C VAL B 424 8.96 -9.39 23.96
N TYR B 425 8.83 -9.44 22.63
CA TYR B 425 9.50 -8.49 21.74
C TYR B 425 8.50 -7.94 20.74
N SER B 426 8.77 -6.71 20.28
CA SER B 426 7.95 -6.08 19.26
C SER B 426 8.68 -4.82 18.79
N PHE B 427 8.53 -4.50 17.51
CA PHE B 427 9.02 -3.25 16.95
C PHE B 427 7.92 -2.66 16.08
N GLY B 428 7.89 -1.33 16.01
CA GLY B 428 6.85 -0.67 15.27
C GLY B 428 7.25 0.72 14.81
N ASP B 429 6.24 1.48 14.40
CA ASP B 429 6.46 2.83 13.88
C ASP B 429 6.87 3.77 15.00
N PRO B 430 8.08 4.33 14.97
CA PRO B 430 8.48 5.26 16.05
C PRO B 430 7.73 6.57 16.00
N SER B 431 7.27 7.01 14.82
CA SER B 431 6.45 8.21 14.73
C SER B 431 5.12 8.04 15.45
N ASN B 432 4.74 6.80 15.77
CA ASN B 432 3.54 6.50 16.53
C ASN B 432 3.84 6.32 18.01
N ASN B 433 5.06 6.63 18.46
CA ASN B 433 5.47 6.45 19.85
C ASN B 433 5.32 4.98 20.27
N PHE B 434 5.75 4.08 19.39
CA PHE B 434 5.62 2.65 19.63
C PHE B 434 6.43 2.23 20.86
N LYS B 435 5.79 1.51 21.77
CA LYS B 435 6.42 1.03 23.00
C LYS B 435 6.76 -0.45 22.83
N GLU B 436 8.05 -0.73 22.61
CA GLU B 436 8.48 -2.10 22.39
C GLU B 436 8.14 -2.97 23.60
N GLY B 437 7.59 -4.15 23.33
CA GLY B 437 7.13 -5.04 24.38
C GLY B 437 5.77 -4.70 24.96
N LYS B 438 5.19 -3.55 24.61
CA LYS B 438 3.86 -3.17 25.07
C LYS B 438 2.89 -3.07 23.92
N ASN B 439 3.17 -2.25 22.91
CA ASN B 439 2.40 -2.28 21.68
C ASN B 439 2.84 -3.46 20.82
N GLY B 440 1.95 -3.87 19.91
CA GLY B 440 2.29 -4.96 19.02
C GLY B 440 1.23 -6.05 18.93
N LEU B 441 0.17 -5.91 19.72
CA LEU B 441 -0.94 -6.85 19.70
C LEU B 441 -2.22 -6.08 19.39
N SER B 442 -3.03 -6.62 18.50
CA SER B 442 -4.26 -5.98 18.05
C SER B 442 -5.48 -6.69 18.62
N ILE B 443 -6.62 -6.01 18.48
CA ILE B 443 -7.90 -6.49 18.98
C ILE B 443 -8.98 -5.95 18.07
N PHE B 444 -10.05 -6.72 17.93
CA PHE B 444 -11.18 -6.39 17.07
C PHE B 444 -12.05 -5.35 17.77
N LEU B 445 -12.11 -4.14 17.20
CA LEU B 445 -12.92 -3.06 17.76
C LEU B 445 -13.60 -2.34 16.60
N PRO B 446 -14.79 -2.80 16.21
CA PRO B 446 -15.41 -2.32 14.97
C PRO B 446 -16.23 -1.05 15.16
N ASN B 447 -16.43 -0.36 14.03
CA ASN B 447 -17.41 0.71 13.94
C ASN B 447 -18.79 0.09 13.65
N GLY B 448 -19.26 -0.69 14.63
CA GLY B 448 -20.38 -1.58 14.40
C GLY B 448 -21.65 -0.90 13.97
N ASP B 449 -21.83 0.37 14.35
CA ASP B 449 -23.04 1.09 14.00
C ASP B 449 -22.97 1.77 12.63
N LYS B 450 -21.77 1.98 12.10
CA LYS B 450 -21.62 2.68 10.84
C LYS B 450 -22.31 1.93 9.71
N LYS B 451 -23.00 2.67 8.84
CA LYS B 451 -23.74 2.09 7.74
C LYS B 451 -22.92 2.17 6.45
N TYR B 452 -22.97 1.11 5.66
CA TYR B 452 -22.22 1.02 4.41
C TYR B 452 -23.19 0.90 3.25
N SER B 453 -22.78 1.39 2.09
CA SER B 453 -23.59 1.33 0.89
C SER B 453 -23.04 0.32 -0.11
N THR B 459 -29.07 0.63 -0.76
CA THR B 459 -29.32 -0.03 0.51
C THR B 459 -28.12 0.07 1.43
N LYS B 460 -28.32 0.62 2.63
CA LYS B 460 -27.27 0.76 3.61
C LYS B 460 -27.41 -0.28 4.71
N ILE B 461 -26.29 -0.90 5.07
CA ILE B 461 -26.26 -1.99 6.05
C ILE B 461 -25.20 -1.68 7.11
N PRO B 462 -25.48 -1.96 8.39
CA PRO B 462 -24.49 -1.69 9.43
C PRO B 462 -23.25 -2.56 9.28
N HIS B 463 -22.15 -2.08 9.87
CA HIS B 463 -20.90 -2.85 9.83
C HIS B 463 -21.03 -4.13 10.64
N TRP B 464 -21.70 -4.06 11.78
CA TRP B 464 -21.79 -5.23 12.66
C TRP B 464 -22.48 -6.39 11.97
N THR B 465 -23.45 -6.09 11.09
CA THR B 465 -24.14 -7.16 10.37
C THR B 465 -23.21 -7.87 9.40
N MET B 466 -22.18 -7.18 8.92
CA MET B 466 -21.16 -7.78 8.07
C MET B 466 -20.05 -8.44 8.86
N GLN B 467 -20.12 -8.43 10.20
CA GLN B 467 -19.07 -8.96 11.04
C GLN B 467 -19.55 -10.13 11.92
N SER B 468 -20.61 -10.82 11.50
CA SER B 468 -21.09 -11.97 12.24
C SER B 468 -20.11 -13.13 12.25
N TRP B 469 -19.03 -13.05 11.46
CA TRP B 469 -17.99 -14.08 11.53
C TRP B 469 -17.23 -14.00 12.84
N TYR B 470 -17.15 -12.83 13.45
CA TYR B 470 -16.52 -12.64 14.76
C TYR B 470 -17.49 -13.21 15.80
N ASN B 471 -17.46 -14.53 15.93
CA ASN B 471 -18.50 -15.24 16.65
C ASN B 471 -17.93 -16.47 17.32
N SER B 472 -18.73 -17.07 18.21
CA SER B 472 -18.37 -18.34 18.85
C SER B 472 -19.09 -19.53 18.26
N ILE B 473 -20.19 -19.30 17.54
CA ILE B 473 -21.02 -20.38 17.01
C ILE B 473 -20.44 -20.88 15.69
N ASP B 474 -21.02 -21.95 15.17
CA ASP B 474 -20.69 -22.44 13.82
C ASP B 474 -21.54 -21.65 12.85
N THR B 475 -20.97 -20.57 12.29
CA THR B 475 -21.76 -19.58 11.58
C THR B 475 -22.42 -20.16 10.33
N VAL B 476 -21.72 -21.05 9.62
CA VAL B 476 -22.31 -21.65 8.44
C VAL B 476 -23.56 -22.44 8.80
N LYS B 477 -23.55 -23.09 9.97
CA LYS B 477 -24.69 -23.89 10.40
C LYS B 477 -25.93 -23.02 10.63
N TYR B 478 -25.73 -21.73 10.94
CA TYR B 478 -26.81 -20.80 11.17
C TYR B 478 -27.07 -19.88 9.97
N GLY B 479 -26.53 -20.21 8.81
CA GLY B 479 -26.76 -19.42 7.62
C GLY B 479 -25.89 -18.19 7.47
N LEU B 480 -24.93 -17.98 8.38
CA LEU B 480 -24.07 -16.81 8.33
C LEU B 480 -22.85 -17.08 7.46
N ASN B 481 -21.96 -16.08 7.37
CA ASN B 481 -20.80 -16.20 6.51
C ASN B 481 -19.79 -17.20 7.09
N PRO B 482 -18.96 -17.80 6.23
CA PRO B 482 -18.11 -18.94 6.64
C PRO B 482 -17.38 -18.83 7.98
N TYR B 483 -17.65 -19.81 8.83
CA TYR B 483 -16.88 -20.17 10.03
C TYR B 483 -16.82 -19.11 11.13
N GLY B 484 -16.99 -19.59 12.36
CA GLY B 484 -16.80 -18.81 13.56
C GLY B 484 -15.96 -19.64 14.52
N LYS B 485 -16.60 -20.20 15.54
CA LYS B 485 -15.94 -21.14 16.47
C LYS B 485 -14.63 -20.56 17.02
N LEU B 486 -14.65 -19.28 17.35
CA LEU B 486 -13.50 -18.60 17.92
C LEU B 486 -13.54 -18.78 19.44
N SER B 487 -12.54 -19.47 19.98
CA SER B 487 -12.51 -19.72 21.42
C SER B 487 -12.45 -18.41 22.21
N TRP B 488 -11.85 -17.36 21.64
CA TRP B 488 -11.85 -16.05 22.27
C TRP B 488 -13.28 -15.57 22.52
N CYS B 489 -14.19 -15.84 21.58
CA CYS B 489 -15.57 -15.42 21.75
C CYS B 489 -16.37 -16.40 22.60
N LYS B 490 -15.98 -17.67 22.61
CA LYS B 490 -16.74 -18.67 23.35
C LYS B 490 -16.45 -18.60 24.85
N ASP B 491 -15.18 -18.60 25.22
CA ASP B 491 -14.80 -18.65 26.63
C ASP B 491 -15.15 -17.36 27.35
N GLY B 492 -15.65 -17.48 28.57
CA GLY B 492 -15.95 -16.33 29.40
C GLY B 492 -17.27 -15.66 29.13
N GLN B 493 -18.13 -16.24 28.29
CA GLN B 493 -19.46 -15.69 28.08
C GLN B 493 -20.28 -15.80 29.35
N ASP B 494 -21.11 -14.80 29.61
CA ASP B 494 -22.07 -14.87 30.71
C ASP B 494 -23.34 -15.54 30.21
N PRO B 495 -23.71 -16.71 30.72
CA PRO B 495 -24.91 -17.40 30.22
C PRO B 495 -26.19 -16.60 30.41
N GLU B 496 -26.24 -15.68 31.38
CA GLU B 496 -27.45 -14.91 31.61
C GLU B 496 -27.75 -13.99 30.42
N ILE B 497 -29.04 -13.83 30.14
CA ILE B 497 -29.47 -13.01 29.01
C ILE B 497 -29.33 -11.54 29.38
N ASN B 498 -28.95 -10.72 28.39
CA ASN B 498 -28.68 -9.30 28.59
C ASN B 498 -27.63 -9.07 29.66
N LYS B 499 -26.59 -9.90 29.66
CA LYS B 499 -25.48 -9.78 30.60
C LYS B 499 -24.19 -10.05 29.84
N VAL B 500 -23.24 -9.11 29.94
CA VAL B 500 -21.99 -9.17 29.19
C VAL B 500 -20.95 -9.92 30.01
N GLY B 501 -20.28 -10.88 29.38
CA GLY B 501 -19.26 -11.64 30.06
C GLY B 501 -17.86 -11.42 29.52
N ASN B 502 -17.74 -11.19 28.22
CA ASN B 502 -16.43 -11.06 27.59
C ASN B 502 -16.51 -9.98 26.51
N TRP B 503 -15.41 -9.81 25.77
CA TRP B 503 -15.33 -8.77 24.75
C TRP B 503 -16.36 -8.99 23.65
N PHE B 504 -16.54 -10.24 23.22
CA PHE B 504 -17.50 -10.54 22.16
C PHE B 504 -18.91 -10.14 22.55
N GLU B 505 -19.34 -10.51 23.76
CA GLU B 505 -20.68 -10.13 24.21
C GLU B 505 -20.81 -8.63 24.38
N LEU B 506 -19.73 -7.95 24.76
CA LEU B 506 -19.77 -6.49 24.85
C LEU B 506 -20.03 -5.86 23.49
N LEU B 507 -19.27 -6.28 22.47
CA LEU B 507 -19.50 -5.75 21.13
C LEU B 507 -20.91 -6.06 20.64
N ASP B 508 -21.40 -7.28 20.92
CA ASP B 508 -22.74 -7.65 20.49
C ASP B 508 -23.79 -6.79 21.19
N SER B 509 -23.60 -6.50 22.48
CA SER B 509 -24.53 -5.64 23.20
C SER B 509 -24.47 -4.21 22.69
N TRP B 510 -23.32 -3.77 22.19
CA TRP B 510 -23.21 -2.40 21.72
C TRP B 510 -23.77 -2.21 20.32
N PHE B 511 -23.72 -3.24 19.47
CA PHE B 511 -24.02 -3.04 18.06
C PHE B 511 -25.22 -3.82 17.53
N ASP B 512 -25.64 -4.89 18.19
CA ASP B 512 -26.84 -5.60 17.77
C ASP B 512 -28.07 -4.88 18.32
N LYS B 513 -28.97 -4.48 17.43
CA LYS B 513 -30.11 -3.68 17.85
C LYS B 513 -31.24 -4.50 18.47
N THR B 514 -31.26 -5.82 18.23
CA THR B 514 -32.25 -6.71 18.81
C THR B 514 -31.54 -7.88 19.47
N ASN B 515 -32.09 -8.33 20.61
CA ASN B 515 -31.47 -9.40 21.39
C ASN B 515 -32.54 -10.39 21.85
N ASP B 516 -33.25 -10.97 20.88
CA ASP B 516 -34.25 -11.99 21.15
C ASP B 516 -33.57 -13.37 21.18
N VAL B 517 -34.38 -14.42 21.22
CA VAL B 517 -33.83 -15.77 21.25
C VAL B 517 -33.11 -16.07 19.93
N THR B 518 -33.56 -15.47 18.82
CA THR B 518 -32.91 -15.71 17.54
C THR B 518 -31.52 -15.10 17.48
N GLY B 519 -31.18 -14.20 18.40
CA GLY B 519 -29.82 -13.73 18.55
C GLY B 519 -29.42 -12.56 17.69
N GLY B 520 -30.37 -11.77 17.19
CA GLY B 520 -30.02 -10.62 16.40
C GLY B 520 -29.39 -11.01 15.06
N VAL B 521 -28.39 -10.24 14.64
CA VAL B 521 -27.82 -10.42 13.32
C VAL B 521 -26.73 -11.50 13.25
N ASN B 522 -26.08 -11.81 14.37
CA ASN B 522 -25.06 -12.84 14.42
C ASN B 522 -25.57 -14.13 15.05
N HIS B 523 -26.87 -14.24 15.30
CA HIS B 523 -27.50 -15.44 15.86
C HIS B 523 -26.84 -15.84 17.17
N TYR B 524 -26.54 -14.86 18.00
CA TYR B 524 -26.09 -15.08 19.37
C TYR B 524 -26.80 -14.09 20.27
N GLN B 525 -27.39 -14.60 21.36
CA GLN B 525 -28.11 -13.76 22.32
C GLN B 525 -27.18 -13.49 23.50
N TRP B 526 -26.73 -12.24 23.60
CA TRP B 526 -25.81 -11.85 24.66
C TRP B 526 -26.55 -11.63 25.97
NA NA C . -19.73 12.68 -11.88
NA NA D . 10.14 21.53 7.43
NA NA E . 5.08 -1.65 -34.10
NA NA F . -0.90 -25.69 -7.07
NA NA G . 20.57 -5.08 13.95
NA NA H . -26.72 -10.85 18.75
NA NA I . -3.58 -25.72 -4.40
#